data_5T90
#
_entry.id   5T90
#
_cell.length_a   115.940
_cell.length_b   124.500
_cell.length_c   154.210
_cell.angle_alpha   90.00
_cell.angle_beta   90.00
_cell.angle_gamma   90.00
#
_symmetry.space_group_name_H-M   'C 2 2 21'
#
loop_
_entity.id
_entity.type
_entity.pdbx_description
1 polymer 'Acetylcholine-binding protein'
2 polymer LsIA
3 water water
#
loop_
_entity_poly.entity_id
_entity_poly.type
_entity_poly.pdbx_seq_one_letter_code
_entity_poly.pdbx_strand_id
1 'polypeptide(L)'
;LDRADILYNIRQTSRPDVIPTQRDRPVAVSVSLKFINILEVNEITNEVDVVFWQQTTWSDRTLAWNSSHSPDQVSVPISS
LWVPDLAAYNAISKPEVLTPQLARVVSDGEVLYMPSIRQRFSCDVSGVDTESGATCRIKIGSWTHHSREISVDPTTENSD
DSEYFSQYSRFEILDVTQKKNSVTYSCCPEAYEDVEVSLNFRKKGRSEIL
;
A,B,C,D,E
2 'polypeptide(L)' SGCCSNPACRVNNPNIC(NH2) F,G,H,I,J
#
loop_
_chem_comp.id
_chem_comp.type
_chem_comp.name
_chem_comp.formula
NH2 non-polymer 'AMINO GROUP' 'H2 N'
#
# COMPACT_ATOMS: atom_id res chain seq x y z
N LEU A 1 26.62 6.05 -28.70
CA LEU A 1 25.84 5.85 -27.47
C LEU A 1 25.04 4.55 -27.53
N ASP A 2 25.12 3.74 -26.45
CA ASP A 2 24.36 2.48 -26.37
C ASP A 2 23.17 2.66 -25.40
N ARG A 3 22.25 1.66 -25.28
CA ARG A 3 21.08 1.78 -24.39
C ARG A 3 21.47 2.12 -22.96
N ALA A 4 22.50 1.45 -22.43
CA ALA A 4 23.01 1.65 -21.07
C ALA A 4 23.49 3.09 -20.87
N ASP A 5 24.21 3.66 -21.88
CA ASP A 5 24.71 5.03 -21.86
C ASP A 5 23.58 6.06 -21.85
N ILE A 6 22.55 5.85 -22.70
CA ILE A 6 21.37 6.69 -22.81
C ILE A 6 20.59 6.69 -21.48
N LEU A 7 20.33 5.50 -20.91
CA LEU A 7 19.61 5.34 -19.65
C LEU A 7 20.36 5.92 -18.45
N TYR A 8 21.71 5.86 -18.46
CA TYR A 8 22.55 6.42 -17.40
C TYR A 8 22.44 7.95 -17.44
N ASN A 9 22.53 8.54 -18.65
CA ASN A 9 22.45 9.98 -18.87
C ASN A 9 21.11 10.52 -18.39
N ILE A 10 20.00 9.83 -18.73
CA ILE A 10 18.63 10.18 -18.32
C ILE A 10 18.51 10.13 -16.80
N ARG A 11 19.02 9.05 -16.17
CA ARG A 11 19.02 8.84 -14.72
C ARG A 11 19.84 9.92 -13.98
N GLN A 12 21.07 10.22 -14.46
CA GLN A 12 21.95 11.20 -13.82
C GLN A 12 21.48 12.65 -13.98
N THR A 13 20.88 12.99 -15.14
CA THR A 13 20.38 14.35 -15.41
C THR A 13 18.86 14.43 -15.17
N SER A 14 18.34 13.48 -14.36
CA SER A 14 16.94 13.33 -14.00
C SER A 14 16.43 14.50 -13.16
N ARG A 15 15.44 15.22 -13.68
CA ARG A 15 14.78 16.32 -12.99
C ARG A 15 13.26 16.07 -13.10
N PRO A 16 12.72 15.05 -12.38
CA PRO A 16 11.28 14.76 -12.51
C PRO A 16 10.37 15.80 -11.90
N ASP A 17 10.93 16.64 -11.03
CA ASP A 17 10.25 17.73 -10.33
C ASP A 17 10.18 18.99 -11.21
N VAL A 18 11.01 19.04 -12.28
CA VAL A 18 11.13 20.18 -13.19
C VAL A 18 10.36 19.97 -14.50
N ILE A 19 9.41 20.87 -14.75
CA ILE A 19 8.58 20.92 -15.95
C ILE A 19 9.45 21.34 -17.16
N PRO A 20 9.48 20.55 -18.27
CA PRO A 20 10.36 20.88 -19.40
C PRO A 20 9.84 21.98 -20.32
N THR A 21 9.56 23.17 -19.75
CA THR A 21 9.09 24.33 -20.50
C THR A 21 10.27 24.92 -21.26
N GLN A 22 10.24 24.82 -22.61
CA GLN A 22 11.29 25.36 -23.47
C GLN A 22 10.89 26.74 -24.02
N ARG A 23 11.78 27.75 -23.87
CA ARG A 23 11.60 29.14 -24.31
C ARG A 23 10.31 29.79 -23.75
N ASP A 24 9.93 29.41 -22.50
CA ASP A 24 8.75 29.84 -21.75
C ASP A 24 7.40 29.53 -22.47
N ARG A 25 7.43 28.53 -23.37
CA ARG A 25 6.25 28.02 -24.08
C ARG A 25 5.74 26.80 -23.28
N PRO A 26 4.41 26.58 -23.17
CA PRO A 26 3.94 25.42 -22.38
C PRO A 26 4.30 24.06 -22.95
N VAL A 27 4.25 23.03 -22.09
CA VAL A 27 4.51 21.65 -22.48
C VAL A 27 3.22 21.15 -23.11
N ALA A 28 3.30 20.78 -24.39
CA ALA A 28 2.14 20.28 -25.12
C ALA A 28 1.88 18.82 -24.77
N VAL A 29 0.95 18.61 -23.84
CA VAL A 29 0.53 17.28 -23.38
C VAL A 29 -0.69 16.83 -24.18
N SER A 30 -0.60 15.62 -24.77
CA SER A 30 -1.65 15.01 -25.58
C SER A 30 -2.18 13.79 -24.84
N VAL A 31 -3.46 13.82 -24.42
CA VAL A 31 -4.08 12.72 -23.68
C VAL A 31 -5.22 12.07 -24.48
N SER A 32 -5.31 10.74 -24.48
CA SER A 32 -6.34 9.99 -25.20
C SER A 32 -6.64 8.71 -24.45
N LEU A 33 -7.90 8.53 -24.04
CA LEU A 33 -8.38 7.38 -23.29
C LEU A 33 -8.95 6.31 -24.23
N LYS A 34 -8.43 5.09 -24.14
CA LYS A 34 -8.90 3.96 -24.96
C LYS A 34 -9.47 2.91 -24.01
N PHE A 35 -10.80 2.78 -23.99
CA PHE A 35 -11.52 1.90 -23.08
C PHE A 35 -11.39 0.41 -23.41
N ILE A 36 -11.05 -0.38 -22.39
CA ILE A 36 -10.82 -1.83 -22.47
C ILE A 36 -12.00 -2.60 -21.91
N ASN A 37 -12.46 -2.23 -20.70
CA ASN A 37 -13.59 -2.90 -20.07
C ASN A 37 -14.38 -2.00 -19.13
N ILE A 38 -15.68 -2.33 -18.95
CA ILE A 38 -16.62 -1.72 -18.00
C ILE A 38 -17.03 -2.90 -17.12
N LEU A 39 -16.52 -2.94 -15.88
CA LEU A 39 -16.69 -4.06 -14.98
C LEU A 39 -17.96 -4.01 -14.13
N GLU A 40 -18.02 -3.07 -13.18
CA GLU A 40 -19.13 -2.95 -12.27
C GLU A 40 -19.91 -1.66 -12.44
N VAL A 41 -21.23 -1.76 -12.30
CA VAL A 41 -22.17 -0.65 -12.36
C VAL A 41 -23.05 -0.79 -11.12
N ASN A 42 -22.95 0.19 -10.22
CA ASN A 42 -23.68 0.17 -8.96
C ASN A 42 -24.78 1.23 -8.94
N GLU A 43 -26.04 0.78 -9.11
CA GLU A 43 -27.26 1.61 -9.13
C GLU A 43 -27.50 2.27 -7.78
N ILE A 44 -27.13 1.57 -6.71
CA ILE A 44 -27.29 2.03 -5.33
C ILE A 44 -26.41 3.27 -5.09
N THR A 45 -25.09 3.16 -5.32
CA THR A 45 -24.15 4.26 -5.08
C THR A 45 -23.89 5.20 -6.28
N ASN A 46 -24.45 4.89 -7.49
CA ASN A 46 -24.26 5.65 -8.75
C ASN A 46 -22.76 5.77 -9.12
N GLU A 47 -22.10 4.60 -9.22
CA GLU A 47 -20.67 4.47 -9.53
C GLU A 47 -20.45 3.55 -10.74
N VAL A 48 -19.25 3.63 -11.34
CA VAL A 48 -18.85 2.81 -12.48
C VAL A 48 -17.35 2.48 -12.41
N ASP A 49 -17.00 1.21 -12.60
CA ASP A 49 -15.61 0.76 -12.57
C ASP A 49 -15.16 0.51 -14.00
N VAL A 50 -14.24 1.36 -14.49
CA VAL A 50 -13.72 1.32 -15.85
C VAL A 50 -12.23 0.97 -15.93
N VAL A 51 -11.85 0.23 -16.99
CA VAL A 51 -10.47 -0.12 -17.33
C VAL A 51 -10.18 0.59 -18.66
N PHE A 52 -9.10 1.39 -18.70
CA PHE A 52 -8.75 2.17 -19.88
C PHE A 52 -7.26 2.43 -20.02
N TRP A 53 -6.78 2.53 -21.26
CA TRP A 53 -5.39 2.86 -21.59
C TRP A 53 -5.32 4.38 -21.73
N GLN A 54 -4.45 5.03 -20.95
CA GLN A 54 -4.30 6.48 -20.99
C GLN A 54 -3.05 6.85 -21.80
N GLN A 55 -3.21 7.07 -23.11
CA GLN A 55 -2.09 7.45 -23.97
C GLN A 55 -1.74 8.89 -23.71
N THR A 56 -0.59 9.11 -23.05
CA THR A 56 -0.10 10.43 -22.71
C THR A 56 1.22 10.67 -23.45
N THR A 57 1.28 11.75 -24.24
CA THR A 57 2.47 12.12 -24.99
C THR A 57 2.84 13.58 -24.75
N TRP A 58 4.14 13.87 -24.67
CA TRP A 58 4.70 15.21 -24.50
C TRP A 58 6.17 15.18 -24.93
N SER A 59 6.77 16.36 -25.07
CA SER A 59 8.17 16.50 -25.45
C SER A 59 9.00 17.04 -24.27
N ASP A 60 10.17 16.43 -24.05
CA ASP A 60 11.15 16.83 -23.05
C ASP A 60 12.50 16.82 -23.76
N ARG A 61 12.83 17.97 -24.38
CA ARG A 61 14.05 18.21 -25.16
C ARG A 61 15.36 17.88 -24.43
N THR A 62 15.36 17.94 -23.08
CA THR A 62 16.53 17.64 -22.26
C THR A 62 16.90 16.14 -22.28
N LEU A 63 15.94 15.28 -22.69
CA LEU A 63 16.13 13.84 -22.79
C LEU A 63 16.69 13.43 -24.16
N ALA A 64 16.65 14.34 -25.15
CA ALA A 64 17.11 14.11 -26.52
C ALA A 64 18.57 13.66 -26.63
N TRP A 65 18.85 12.84 -27.66
CA TRP A 65 20.18 12.33 -27.96
C TRP A 65 20.39 12.14 -29.47
N ASN A 66 21.65 12.04 -29.91
CA ASN A 66 22.00 11.83 -31.31
C ASN A 66 21.67 10.38 -31.70
N SER A 67 20.71 10.20 -32.61
CA SER A 67 20.26 8.89 -33.09
C SER A 67 21.25 8.19 -34.03
N SER A 68 22.26 8.92 -34.55
CA SER A 68 23.28 8.36 -35.46
C SER A 68 24.14 7.35 -34.69
N HIS A 69 24.16 6.07 -35.16
CA HIS A 69 24.86 4.94 -34.56
C HIS A 69 24.47 4.75 -33.07
N SER A 70 23.17 4.93 -32.78
CA SER A 70 22.57 4.82 -31.44
C SER A 70 21.11 4.40 -31.58
N PRO A 71 20.50 3.73 -30.55
CA PRO A 71 19.07 3.37 -30.67
C PRO A 71 18.16 4.59 -30.83
N ASP A 72 17.10 4.46 -31.63
CA ASP A 72 16.13 5.54 -31.88
C ASP A 72 15.24 5.78 -30.67
N GLN A 73 14.93 4.70 -29.92
CA GLN A 73 14.05 4.73 -28.75
C GLN A 73 14.55 3.85 -27.62
N VAL A 74 14.18 4.20 -26.38
CA VAL A 74 14.50 3.44 -25.16
C VAL A 74 13.29 3.43 -24.22
N SER A 75 13.20 2.40 -23.36
CA SER A 75 12.14 2.29 -22.37
C SER A 75 12.70 2.76 -21.03
N VAL A 76 12.10 3.83 -20.48
CA VAL A 76 12.55 4.48 -19.25
C VAL A 76 11.47 4.39 -18.16
N PRO A 77 11.79 4.02 -16.88
CA PRO A 77 10.76 4.05 -15.85
C PRO A 77 10.37 5.50 -15.54
N ILE A 78 9.06 5.79 -15.42
CA ILE A 78 8.50 7.14 -15.19
C ILE A 78 9.06 7.84 -13.93
N SER A 79 9.63 7.09 -12.99
CA SER A 79 10.24 7.64 -11.77
C SER A 79 11.47 8.52 -12.10
N SER A 80 12.11 8.26 -13.26
CA SER A 80 13.28 8.98 -13.77
C SER A 80 12.88 10.16 -14.66
N LEU A 81 11.58 10.31 -14.95
CA LEU A 81 11.09 11.36 -15.84
C LEU A 81 10.07 12.27 -15.18
N TRP A 82 9.93 13.49 -15.73
CA TRP A 82 8.88 14.41 -15.32
C TRP A 82 7.63 13.91 -16.02
N VAL A 83 6.51 13.90 -15.31
CA VAL A 83 5.21 13.51 -15.85
C VAL A 83 4.19 14.60 -15.57
N PRO A 84 3.21 14.86 -16.47
CA PRO A 84 2.22 15.90 -16.16
C PRO A 84 1.34 15.49 -14.98
N ASP A 85 0.92 16.47 -14.17
CA ASP A 85 0.08 16.24 -12.99
C ASP A 85 -1.40 16.10 -13.35
N LEU A 86 -1.69 15.19 -14.29
CA LEU A 86 -3.05 14.94 -14.79
C LEU A 86 -3.89 14.22 -13.78
N ALA A 87 -5.15 14.63 -13.68
CA ALA A 87 -6.12 14.05 -12.76
C ALA A 87 -7.52 14.21 -13.31
N ALA A 88 -8.42 13.29 -12.92
CA ALA A 88 -9.83 13.40 -13.26
C ALA A 88 -10.39 14.22 -12.10
N TYR A 89 -10.86 15.43 -12.40
CA TYR A 89 -11.40 16.35 -11.39
C TYR A 89 -12.64 15.80 -10.66
N ASN A 90 -13.34 14.81 -11.25
CA ASN A 90 -14.59 14.23 -10.74
C ASN A 90 -14.49 12.76 -10.23
N ALA A 91 -13.31 12.14 -10.34
CA ALA A 91 -12.96 10.80 -9.88
C ALA A 91 -13.28 10.62 -8.39
N ILE A 92 -13.73 9.41 -8.04
CA ILE A 92 -14.11 9.02 -6.69
C ILE A 92 -13.09 8.06 -6.08
N SER A 93 -12.25 7.45 -6.93
CA SER A 93 -11.19 6.54 -6.49
C SER A 93 -9.83 6.98 -7.03
N LYS A 94 -8.75 6.53 -6.37
CA LYS A 94 -7.37 6.78 -6.76
C LYS A 94 -7.09 5.93 -8.02
N PRO A 95 -6.50 6.51 -9.09
CA PRO A 95 -6.24 5.69 -10.30
C PRO A 95 -5.25 4.56 -10.02
N GLU A 96 -5.65 3.31 -10.36
CA GLU A 96 -4.81 2.12 -10.14
C GLU A 96 -4.10 1.72 -11.43
N VAL A 97 -2.77 1.89 -11.46
CA VAL A 97 -1.95 1.53 -12.62
C VAL A 97 -1.71 0.01 -12.60
N LEU A 98 -2.23 -0.69 -13.62
CA LEU A 98 -2.16 -2.16 -13.74
C LEU A 98 -0.90 -2.70 -14.42
N THR A 99 -0.25 -1.86 -15.23
CA THR A 99 0.89 -2.24 -16.07
C THR A 99 2.27 -1.75 -15.58
N PRO A 100 3.41 -2.30 -16.13
CA PRO A 100 4.73 -1.83 -15.71
C PRO A 100 4.87 -0.33 -15.95
N GLN A 101 5.26 0.42 -14.91
CA GLN A 101 5.37 1.89 -14.97
C GLN A 101 6.60 2.34 -15.76
N LEU A 102 6.54 2.09 -17.09
CA LEU A 102 7.56 2.41 -18.07
C LEU A 102 7.01 3.25 -19.19
N ALA A 103 7.80 4.22 -19.64
CA ALA A 103 7.46 5.10 -20.75
C ALA A 103 8.46 4.86 -21.87
N ARG A 104 8.06 5.16 -23.11
CA ARG A 104 8.91 5.01 -24.27
C ARG A 104 9.44 6.39 -24.65
N VAL A 105 10.76 6.56 -24.62
CA VAL A 105 11.41 7.84 -24.94
C VAL A 105 12.13 7.74 -26.28
N VAL A 106 11.79 8.64 -27.21
CA VAL A 106 12.38 8.73 -28.55
C VAL A 106 13.60 9.69 -28.50
N SER A 107 14.59 9.48 -29.38
CA SER A 107 15.83 10.26 -29.48
C SER A 107 15.63 11.77 -29.64
N ASP A 108 14.44 12.22 -30.07
CA ASP A 108 14.10 13.64 -30.23
C ASP A 108 13.58 14.29 -28.94
N GLY A 109 13.42 13.49 -27.89
CA GLY A 109 12.94 13.95 -26.60
C GLY A 109 11.48 13.66 -26.33
N GLU A 110 10.78 13.01 -27.29
CA GLU A 110 9.36 12.68 -27.14
C GLU A 110 9.16 11.54 -26.14
N VAL A 111 8.24 11.74 -25.20
CA VAL A 111 7.91 10.75 -24.18
C VAL A 111 6.50 10.23 -24.46
N LEU A 112 6.36 8.91 -24.53
CA LEU A 112 5.09 8.23 -24.75
C LEU A 112 4.83 7.28 -23.59
N TYR A 113 3.91 7.68 -22.69
CA TYR A 113 3.53 6.86 -21.53
C TYR A 113 2.08 6.45 -21.68
N MET A 114 1.81 5.14 -21.65
CA MET A 114 0.46 4.64 -21.81
C MET A 114 0.12 3.55 -20.78
N PRO A 115 -0.20 3.93 -19.52
CA PRO A 115 -0.55 2.91 -18.53
C PRO A 115 -2.01 2.45 -18.64
N SER A 116 -2.29 1.21 -18.18
CA SER A 116 -3.66 0.70 -18.13
C SER A 116 -4.15 1.04 -16.72
N ILE A 117 -5.26 1.81 -16.63
CA ILE A 117 -5.77 2.29 -15.36
C ILE A 117 -7.17 1.75 -15.03
N ARG A 118 -7.33 1.23 -13.81
CA ARG A 118 -8.61 0.79 -13.27
C ARG A 118 -9.07 1.89 -12.30
N GLN A 119 -10.20 2.57 -12.60
CA GLN A 119 -10.69 3.67 -11.79
C GLN A 119 -12.22 3.72 -11.70
N ARG A 120 -12.75 4.17 -10.55
CA ARG A 120 -14.17 4.37 -10.28
C ARG A 120 -14.54 5.83 -10.50
N PHE A 121 -15.71 6.06 -11.13
CA PHE A 121 -16.20 7.41 -11.43
C PHE A 121 -17.64 7.59 -11.02
N SER A 122 -18.03 8.85 -10.75
CA SER A 122 -19.40 9.22 -10.39
C SER A 122 -20.22 9.24 -11.66
N CYS A 123 -21.17 8.30 -11.75
CA CYS A 123 -21.96 8.10 -12.95
C CYS A 123 -23.43 7.88 -12.66
N ASP A 124 -24.29 8.60 -13.39
CA ASP A 124 -25.73 8.36 -13.27
C ASP A 124 -26.01 7.13 -14.13
N VAL A 125 -25.95 5.97 -13.47
CA VAL A 125 -26.10 4.65 -14.04
C VAL A 125 -27.58 4.22 -14.18
N SER A 126 -28.53 5.11 -13.83
CA SER A 126 -29.95 4.84 -14.02
C SER A 126 -30.19 4.75 -15.54
N GLY A 127 -30.88 3.71 -15.94
CA GLY A 127 -31.12 3.47 -17.35
C GLY A 127 -29.90 2.96 -18.11
N VAL A 128 -29.17 2.00 -17.52
CA VAL A 128 -28.04 1.34 -18.18
C VAL A 128 -28.60 0.23 -19.09
N ASP A 129 -29.77 -0.32 -18.71
CA ASP A 129 -30.48 -1.37 -19.45
C ASP A 129 -31.25 -0.81 -20.65
N THR A 130 -31.52 0.52 -20.67
CA THR A 130 -32.23 1.18 -21.76
C THR A 130 -31.37 1.27 -23.04
N GLU A 131 -32.04 1.53 -24.18
CA GLU A 131 -31.46 1.69 -25.53
C GLU A 131 -30.47 2.85 -25.57
N SER A 132 -30.80 3.98 -24.91
CA SER A 132 -29.98 5.17 -24.85
C SER A 132 -28.74 4.96 -23.96
N GLY A 133 -28.87 4.05 -22.99
CA GLY A 133 -27.80 3.71 -22.06
C GLY A 133 -27.46 4.83 -21.09
N ALA A 134 -26.27 4.74 -20.48
CA ALA A 134 -25.77 5.73 -19.53
C ALA A 134 -24.50 6.41 -20.07
N THR A 135 -24.26 7.67 -19.70
CA THR A 135 -23.06 8.41 -20.14
C THR A 135 -22.18 8.78 -18.95
N CYS A 136 -20.87 8.49 -19.08
CA CYS A 136 -19.91 8.83 -18.06
C CYS A 136 -19.02 9.96 -18.47
N ARG A 137 -19.02 11.03 -17.68
CA ARG A 137 -18.22 12.21 -17.95
C ARG A 137 -16.97 12.27 -17.06
N ILE A 138 -15.79 12.26 -17.71
CA ILE A 138 -14.49 12.32 -17.05
C ILE A 138 -13.82 13.64 -17.48
N LYS A 139 -13.57 14.52 -16.51
CA LYS A 139 -12.90 15.79 -16.78
C LYS A 139 -11.44 15.66 -16.36
N ILE A 140 -10.54 15.47 -17.34
CA ILE A 140 -9.09 15.31 -17.13
C ILE A 140 -8.35 16.62 -17.38
N GLY A 141 -7.47 16.97 -16.46
CA GLY A 141 -6.65 18.17 -16.55
C GLY A 141 -5.52 18.20 -15.55
N SER A 142 -4.62 19.20 -15.70
CA SER A 142 -3.50 19.41 -14.79
C SER A 142 -4.03 19.86 -13.44
N TRP A 143 -3.51 19.27 -12.36
CA TRP A 143 -3.98 19.57 -11.00
C TRP A 143 -3.49 20.93 -10.47
N THR A 144 -2.27 21.37 -10.87
CA THR A 144 -1.67 22.62 -10.37
C THR A 144 -1.21 23.61 -11.46
N HIS A 145 -1.07 23.20 -12.73
CA HIS A 145 -0.61 24.11 -13.79
C HIS A 145 -1.74 24.61 -14.70
N HIS A 146 -1.58 25.85 -15.21
CA HIS A 146 -2.52 26.47 -16.16
C HIS A 146 -2.02 26.22 -17.59
N SER A 147 -2.82 26.63 -18.62
CA SER A 147 -2.52 26.46 -20.06
C SER A 147 -1.16 27.00 -20.50
N ARG A 148 -0.61 28.01 -19.80
CA ARG A 148 0.69 28.61 -20.13
C ARG A 148 1.89 27.77 -19.67
N GLU A 149 1.65 26.72 -18.84
CA GLU A 149 2.65 25.78 -18.32
C GLU A 149 2.45 24.38 -18.93
N ILE A 150 1.19 23.87 -18.86
CA ILE A 150 0.78 22.60 -19.45
C ILE A 150 -0.45 22.86 -20.32
N SER A 151 -0.35 22.58 -21.63
CA SER A 151 -1.48 22.67 -22.53
C SER A 151 -1.97 21.22 -22.69
N VAL A 152 -3.30 21.00 -22.70
CA VAL A 152 -3.85 19.65 -22.81
C VAL A 152 -4.65 19.49 -24.11
N ASP A 153 -4.47 18.37 -24.84
CA ASP A 153 -5.14 18.14 -26.13
C ASP A 153 -5.66 16.71 -26.27
N PRO A 154 -6.87 16.48 -26.86
CA PRO A 154 -7.38 15.11 -26.96
C PRO A 154 -7.02 14.27 -28.18
N THR A 155 -6.37 14.84 -29.22
CA THR A 155 -6.05 14.22 -30.54
C THR A 155 -7.28 14.25 -31.45
N THR A 156 -7.04 14.15 -32.76
CA THR A 156 -8.05 14.19 -33.82
C THR A 156 -8.83 12.88 -33.98
N GLU A 157 -8.46 11.83 -33.22
CA GLU A 157 -9.05 10.48 -33.26
C GLU A 157 -10.49 10.42 -32.78
N ASN A 158 -11.35 9.74 -33.59
CA ASN A 158 -12.79 9.60 -33.32
C ASN A 158 -13.42 8.33 -33.93
N SER A 159 -12.60 7.41 -34.45
CA SER A 159 -13.12 6.19 -35.06
C SER A 159 -12.55 4.91 -34.43
N ASP A 160 -12.43 4.84 -33.09
CA ASP A 160 -11.87 3.64 -32.44
C ASP A 160 -12.56 3.20 -31.16
N ASP A 161 -13.72 3.81 -30.81
CA ASP A 161 -14.54 3.56 -29.62
C ASP A 161 -14.48 2.15 -29.04
N SER A 162 -14.68 1.10 -29.88
CA SER A 162 -14.68 -0.29 -29.45
C SER A 162 -13.49 -1.15 -29.95
N GLU A 163 -12.43 -0.53 -30.50
CA GLU A 163 -11.26 -1.23 -31.04
C GLU A 163 -10.43 -2.01 -30.01
N TYR A 164 -10.51 -1.62 -28.73
CA TYR A 164 -9.76 -2.18 -27.61
C TYR A 164 -10.69 -2.80 -26.57
N PHE A 165 -12.00 -2.59 -26.74
CA PHE A 165 -13.01 -3.08 -25.80
C PHE A 165 -13.21 -4.59 -25.87
N SER A 166 -13.09 -5.26 -24.69
CA SER A 166 -13.28 -6.70 -24.51
C SER A 166 -14.65 -7.18 -25.02
N GLN A 167 -14.64 -8.28 -25.79
CA GLN A 167 -15.85 -8.90 -26.34
C GLN A 167 -16.62 -9.64 -25.24
N TYR A 168 -15.91 -10.01 -24.16
CA TYR A 168 -16.44 -10.75 -23.01
C TYR A 168 -17.03 -9.85 -21.92
N SER A 169 -17.07 -8.53 -22.15
CA SER A 169 -17.65 -7.58 -21.20
C SER A 169 -19.17 -7.68 -21.20
N ARG A 170 -19.79 -7.43 -20.04
CA ARG A 170 -21.24 -7.46 -19.84
C ARG A 170 -21.88 -6.21 -20.49
N PHE A 171 -21.09 -5.16 -20.72
CA PHE A 171 -21.51 -3.89 -21.30
C PHE A 171 -21.04 -3.71 -22.75
N GLU A 172 -21.61 -2.72 -23.44
CA GLU A 172 -21.34 -2.41 -24.85
C GLU A 172 -21.18 -0.89 -25.04
N ILE A 173 -20.10 -0.46 -25.72
CA ILE A 173 -19.83 0.95 -25.99
C ILE A 173 -20.70 1.46 -27.14
N LEU A 174 -21.38 2.58 -26.91
CA LEU A 174 -22.23 3.25 -27.90
C LEU A 174 -21.49 4.37 -28.60
N ASP A 175 -20.90 5.30 -27.82
CA ASP A 175 -20.20 6.49 -28.30
C ASP A 175 -19.17 6.99 -27.28
N VAL A 176 -17.92 7.25 -27.73
CA VAL A 176 -16.82 7.82 -26.93
C VAL A 176 -16.44 9.16 -27.55
N THR A 177 -16.45 10.24 -26.75
CA THR A 177 -16.10 11.59 -27.20
C THR A 177 -15.11 12.21 -26.23
N GLN A 178 -14.00 12.74 -26.75
CA GLN A 178 -12.94 13.36 -25.96
C GLN A 178 -12.69 14.75 -26.54
N LYS A 179 -13.33 15.76 -25.95
CA LYS A 179 -13.26 17.14 -26.40
C LYS A 179 -12.41 18.03 -25.51
N LYS A 180 -11.73 19.02 -26.12
CA LYS A 180 -10.90 20.00 -25.42
C LYS A 180 -11.77 21.20 -25.03
N ASN A 181 -11.70 21.59 -23.75
CA ASN A 181 -12.43 22.74 -23.24
C ASN A 181 -11.41 23.74 -22.72
N SER A 182 -11.38 24.96 -23.31
CA SER A 182 -10.48 26.03 -22.92
C SER A 182 -11.31 27.21 -22.41
N VAL A 183 -11.26 27.44 -21.09
CA VAL A 183 -12.03 28.48 -20.43
C VAL A 183 -11.09 29.53 -19.81
N THR A 184 -11.29 30.82 -20.15
CA THR A 184 -10.54 31.94 -19.61
C THR A 184 -11.48 32.72 -18.70
N TYR A 185 -11.22 32.71 -17.38
CA TYR A 185 -12.05 33.40 -16.38
C TYR A 185 -11.78 34.90 -16.36
N SER A 186 -12.76 35.70 -15.92
CA SER A 186 -12.68 37.17 -15.90
C SER A 186 -11.58 37.72 -14.98
N CYS A 187 -11.27 37.00 -13.89
CA CYS A 187 -10.27 37.34 -12.88
C CYS A 187 -8.86 37.44 -13.41
N CYS A 188 -8.51 36.42 -14.16
CA CYS A 188 -7.22 35.90 -14.52
C CYS A 188 -6.93 35.86 -16.02
N PRO A 189 -5.71 36.31 -16.46
CA PRO A 189 -5.41 36.35 -17.90
C PRO A 189 -5.18 35.00 -18.57
N GLU A 190 -4.60 34.03 -17.82
CA GLU A 190 -4.29 32.69 -18.33
C GLU A 190 -5.53 31.82 -18.51
N ALA A 191 -5.54 31.05 -19.61
CA ALA A 191 -6.65 30.15 -19.94
C ALA A 191 -6.52 28.85 -19.13
N TYR A 192 -7.63 28.13 -18.97
CA TYR A 192 -7.66 26.86 -18.25
C TYR A 192 -8.25 25.78 -19.12
N GLU A 193 -7.44 24.74 -19.36
CA GLU A 193 -7.79 23.65 -20.25
C GLU A 193 -8.08 22.34 -19.54
N ASP A 194 -8.93 21.52 -20.19
CA ASP A 194 -9.34 20.19 -19.74
C ASP A 194 -9.84 19.37 -20.93
N VAL A 195 -9.77 18.04 -20.79
CA VAL A 195 -10.26 17.11 -21.81
C VAL A 195 -11.46 16.39 -21.21
N GLU A 196 -12.65 16.64 -21.77
CA GLU A 196 -13.90 16.05 -21.31
C GLU A 196 -14.18 14.77 -22.09
N VAL A 197 -14.05 13.63 -21.41
CA VAL A 197 -14.29 12.32 -21.98
C VAL A 197 -15.71 11.90 -21.61
N SER A 198 -16.53 11.64 -22.63
CA SER A 198 -17.91 11.17 -22.50
C SER A 198 -17.95 9.70 -22.96
N LEU A 199 -18.36 8.80 -22.06
CA LEU A 199 -18.43 7.37 -22.34
C LEU A 199 -19.89 6.88 -22.29
N ASN A 200 -20.50 6.69 -23.45
CA ASN A 200 -21.87 6.24 -23.58
C ASN A 200 -21.89 4.73 -23.73
N PHE A 201 -22.54 4.02 -22.79
CA PHE A 201 -22.58 2.56 -22.77
C PHE A 201 -23.91 1.98 -22.26
N ARG A 202 -24.22 0.73 -22.64
CA ARG A 202 -25.42 0.01 -22.24
C ARG A 202 -25.16 -1.48 -21.99
N LYS A 203 -26.06 -2.15 -21.25
CA LYS A 203 -25.96 -3.57 -20.95
C LYS A 203 -26.37 -4.40 -22.17
N LYS A 204 -25.63 -5.49 -22.46
CA LYS A 204 -25.88 -6.40 -23.59
C LYS A 204 -27.18 -7.21 -23.38
N GLY A 205 -27.83 -7.61 -24.48
CA GLY A 205 -29.07 -8.38 -24.45
C GLY A 205 -29.57 -8.81 -25.81
N LEU B 1 18.78 27.56 21.65
CA LEU B 1 18.42 26.78 20.47
C LEU B 1 17.01 27.09 19.99
N ASP B 2 16.80 27.14 18.66
CA ASP B 2 15.48 27.33 18.08
C ASP B 2 14.90 25.96 17.72
N ARG B 3 13.63 25.92 17.26
CA ARG B 3 12.95 24.68 16.87
C ARG B 3 13.74 23.89 15.82
N ALA B 4 14.27 24.60 14.79
CA ALA B 4 15.06 24.01 13.72
C ALA B 4 16.32 23.33 14.25
N ASP B 5 17.01 23.96 15.23
CA ASP B 5 18.21 23.42 15.87
C ASP B 5 17.92 22.16 16.66
N ILE B 6 16.82 22.16 17.43
CA ILE B 6 16.36 21.02 18.25
C ILE B 6 16.00 19.84 17.35
N LEU B 7 15.21 20.09 16.27
CA LEU B 7 14.79 19.07 15.32
C LEU B 7 15.96 18.48 14.52
N TYR B 8 16.98 19.30 14.20
CA TYR B 8 18.19 18.87 13.49
C TYR B 8 18.99 17.92 14.39
N ASN B 9 19.16 18.29 15.68
CA ASN B 9 19.88 17.49 16.68
C ASN B 9 19.23 16.13 16.85
N ILE B 10 17.88 16.09 16.98
CA ILE B 10 17.08 14.87 17.13
C ILE B 10 17.24 13.98 15.89
N ARG B 11 17.15 14.58 14.68
CA ARG B 11 17.30 13.90 13.39
C ARG B 11 18.71 13.33 13.21
N GLN B 12 19.77 14.11 13.52
CA GLN B 12 21.16 13.68 13.36
C GLN B 12 21.60 12.63 14.37
N THR B 13 21.11 12.71 15.63
CA THR B 13 21.45 11.75 16.68
C THR B 13 20.34 10.70 16.84
N SER B 14 19.52 10.53 15.78
CA SER B 14 18.38 9.61 15.72
C SER B 14 18.82 8.14 15.78
N ARG B 15 18.36 7.44 16.83
CA ARG B 15 18.61 6.01 17.02
C ARG B 15 17.24 5.35 17.29
N PRO B 16 16.35 5.25 16.27
CA PRO B 16 15.03 4.66 16.51
C PRO B 16 15.03 3.16 16.78
N ASP B 17 16.13 2.51 16.41
CA ASP B 17 16.37 1.07 16.59
C ASP B 17 16.89 0.78 18.02
N VAL B 18 17.36 1.82 18.73
CA VAL B 18 17.94 1.72 20.07
C VAL B 18 16.96 2.11 21.17
N ILE B 19 16.69 1.16 22.07
CA ILE B 19 15.82 1.31 23.25
C ILE B 19 16.51 2.24 24.28
N PRO B 20 15.85 3.34 24.72
CA PRO B 20 16.51 4.27 25.65
C PRO B 20 16.54 3.83 27.11
N THR B 21 17.12 2.63 27.39
CA THR B 21 17.28 2.09 28.73
C THR B 21 18.37 2.91 29.43
N GLN B 22 17.96 3.75 30.41
CA GLN B 22 18.89 4.60 31.17
C GLN B 22 19.28 3.89 32.46
N ARG B 23 20.61 3.73 32.69
CA ARG B 23 21.23 3.07 33.87
C ARG B 23 20.68 1.65 34.12
N ASP B 24 20.52 0.86 33.03
CA ASP B 24 20.06 -0.53 32.99
C ASP B 24 18.63 -0.75 33.57
N ARG B 25 17.86 0.33 33.82
CA ARG B 25 16.49 0.19 34.30
C ARG B 25 15.50 0.24 33.12
N PRO B 26 14.41 -0.56 33.13
CA PRO B 26 13.51 -0.58 31.96
C PRO B 26 12.88 0.75 31.59
N VAL B 27 12.45 0.86 30.32
CA VAL B 27 11.80 2.05 29.79
C VAL B 27 10.35 2.03 30.26
N ALA B 28 9.99 3.02 31.11
CA ALA B 28 8.64 3.14 31.67
C ALA B 28 7.66 3.66 30.63
N VAL B 29 6.95 2.73 29.98
CA VAL B 29 5.96 3.03 28.96
C VAL B 29 4.58 3.04 29.63
N SER B 30 3.83 4.14 29.45
CA SER B 30 2.50 4.34 30.01
C SER B 30 1.50 4.36 28.86
N VAL B 31 0.58 3.38 28.84
CA VAL B 31 -0.42 3.25 27.78
C VAL B 31 -1.84 3.41 28.34
N SER B 32 -2.69 4.14 27.59
CA SER B 32 -4.10 4.39 27.93
C SER B 32 -4.92 4.51 26.65
N LEU B 33 -5.91 3.62 26.50
CA LEU B 33 -6.81 3.56 25.34
C LEU B 33 -8.08 4.36 25.62
N LYS B 34 -8.38 5.34 24.75
CA LYS B 34 -9.58 6.16 24.86
C LYS B 34 -10.44 5.90 23.64
N PHE B 35 -11.55 5.17 23.81
CA PHE B 35 -12.44 4.75 22.73
C PHE B 35 -13.27 5.89 22.17
N ILE B 36 -13.23 6.02 20.82
CA ILE B 36 -13.94 7.06 20.06
C ILE B 36 -15.22 6.50 19.44
N ASN B 37 -15.13 5.32 18.78
CA ASN B 37 -16.27 4.68 18.13
C ASN B 37 -16.17 3.15 18.03
N ILE B 38 -17.34 2.48 18.04
CA ILE B 38 -17.50 1.04 17.84
C ILE B 38 -18.33 0.98 16.56
N LEU B 39 -17.71 0.59 15.45
CA LEU B 39 -18.37 0.62 14.14
C LEU B 39 -19.16 -0.65 13.83
N GLU B 40 -18.46 -1.76 13.60
CA GLU B 40 -19.11 -3.02 13.24
C GLU B 40 -18.94 -4.11 14.28
N VAL B 41 -19.99 -4.91 14.46
CA VAL B 41 -20.07 -6.07 15.35
C VAL B 41 -20.70 -7.17 14.48
N ASN B 42 -19.90 -8.17 14.06
CA ASN B 42 -20.37 -9.22 13.14
C ASN B 42 -20.32 -10.63 13.70
N GLU B 43 -21.35 -11.45 13.37
CA GLU B 43 -21.49 -12.84 13.80
C GLU B 43 -20.79 -13.78 12.82
N ASN B 46 -17.20 -13.65 15.05
CA ASN B 46 -17.32 -12.83 16.25
C ASN B 46 -16.16 -11.81 16.35
N GLU B 47 -16.22 -10.77 15.49
CA GLU B 47 -15.22 -9.70 15.37
C GLU B 47 -15.81 -8.31 15.63
N VAL B 48 -15.06 -7.45 16.34
CA VAL B 48 -15.46 -6.07 16.62
C VAL B 48 -14.49 -5.07 15.98
N ASP B 49 -15.02 -4.07 15.24
CA ASP B 49 -14.24 -3.03 14.55
C ASP B 49 -14.39 -1.70 15.31
N VAL B 50 -13.32 -1.27 16.01
CA VAL B 50 -13.32 -0.06 16.83
C VAL B 50 -12.28 1.00 16.41
N VAL B 51 -12.48 2.23 16.89
CA VAL B 51 -11.60 3.40 16.71
C VAL B 51 -11.26 3.91 18.12
N PHE B 52 -9.95 4.07 18.42
CA PHE B 52 -9.47 4.47 19.74
C PHE B 52 -8.18 5.28 19.69
N TRP B 53 -8.01 6.21 20.64
CA TRP B 53 -6.81 7.00 20.79
C TRP B 53 -5.88 6.24 21.75
N GLN B 54 -4.65 5.95 21.30
CA GLN B 54 -3.69 5.23 22.13
C GLN B 54 -2.66 6.20 22.71
N GLN B 55 -2.94 6.72 23.92
CA GLN B 55 -2.01 7.63 24.58
C GLN B 55 -0.83 6.85 25.13
N THR B 56 0.32 7.02 24.46
CA THR B 56 1.56 6.35 24.83
C THR B 56 2.59 7.38 25.26
N THR B 57 3.12 7.21 26.47
CA THR B 57 4.15 8.11 27.01
C THR B 57 5.33 7.31 27.55
N TRP B 58 6.54 7.85 27.34
CA TRP B 58 7.80 7.26 27.81
C TRP B 58 8.87 8.36 27.83
N SER B 59 10.01 8.07 28.46
CA SER B 59 11.13 9.01 28.54
C SER B 59 12.31 8.51 27.72
N ASP B 60 12.92 9.42 26.95
CA ASP B 60 14.11 9.18 26.15
C ASP B 60 15.05 10.34 26.42
N ARG B 61 15.87 10.20 27.47
CA ARG B 61 16.83 11.18 27.98
C ARG B 61 17.81 11.70 26.93
N THR B 62 18.09 10.92 25.87
CA THR B 62 19.00 11.31 24.78
C THR B 62 18.42 12.45 23.91
N LEU B 63 17.08 12.64 23.98
CA LEU B 63 16.38 13.69 23.24
C LEU B 63 16.33 15.02 24.00
N ALA B 64 16.64 14.99 25.31
CA ALA B 64 16.62 16.15 26.20
C ALA B 64 17.49 17.31 25.75
N TRP B 65 17.04 18.55 26.07
CA TRP B 65 17.74 19.79 25.75
C TRP B 65 17.51 20.86 26.83
N ASN B 66 18.38 21.88 26.87
CA ASN B 66 18.26 22.99 27.81
C ASN B 66 17.10 23.91 27.38
N SER B 67 16.05 23.97 28.22
CA SER B 67 14.85 24.77 27.98
C SER B 67 15.05 26.28 28.13
N SER B 68 16.17 26.73 28.74
CA SER B 68 16.49 28.15 28.94
C SER B 68 16.74 28.82 27.58
N HIS B 69 15.92 29.85 27.26
CA HIS B 69 15.93 30.59 25.99
C HIS B 69 15.79 29.66 24.77
N SER B 70 14.93 28.64 24.92
CA SER B 70 14.64 27.61 23.91
C SER B 70 13.19 27.11 24.10
N PRO B 71 12.52 26.58 23.05
CA PRO B 71 11.15 26.05 23.25
C PRO B 71 11.11 24.88 24.23
N ASP B 72 10.04 24.80 25.03
CA ASP B 72 9.85 23.75 26.03
C ASP B 72 9.51 22.42 25.38
N GLN B 73 8.79 22.46 24.24
CA GLN B 73 8.32 21.28 23.51
C GLN B 73 8.41 21.46 22.01
N VAL B 74 8.55 20.35 21.28
CA VAL B 74 8.59 20.29 19.81
C VAL B 74 7.80 19.08 19.31
N SER B 75 7.28 19.17 18.06
CA SER B 75 6.57 18.07 17.42
C SER B 75 7.54 17.37 16.48
N VAL B 76 7.77 16.08 16.74
CA VAL B 76 8.74 15.26 16.01
C VAL B 76 8.04 14.08 15.32
N PRO B 77 8.32 13.78 14.02
CA PRO B 77 7.71 12.59 13.42
C PRO B 77 8.31 11.32 14.06
N ILE B 78 7.46 10.32 14.41
CA ILE B 78 7.86 9.07 15.08
C ILE B 78 8.95 8.28 14.32
N SER B 79 9.14 8.53 13.02
CA SER B 79 10.18 7.87 12.22
C SER B 79 11.60 8.25 12.71
N SER B 80 11.72 9.42 13.36
CA SER B 80 12.97 9.95 13.91
C SER B 80 13.19 9.52 15.37
N LEU B 81 12.20 8.84 15.97
CA LEU B 81 12.25 8.41 17.37
C LEU B 81 12.09 6.91 17.55
N TRP B 82 12.58 6.41 18.70
CA TRP B 82 12.37 5.03 19.09
C TRP B 82 10.96 4.98 19.64
N VAL B 83 10.21 3.92 19.29
CA VAL B 83 8.85 3.71 19.78
C VAL B 83 8.73 2.30 20.39
N PRO B 84 7.93 2.09 21.46
CA PRO B 84 7.81 0.72 21.99
C PRO B 84 7.09 -0.20 21.01
N ASP B 85 7.50 -1.49 20.98
CA ASP B 85 6.91 -2.50 20.08
C ASP B 85 5.61 -3.07 20.63
N LEU B 86 4.68 -2.18 21.00
CA LEU B 86 3.38 -2.55 21.54
C LEU B 86 2.48 -3.16 20.48
N ALA B 87 1.80 -4.25 20.84
CA ALA B 87 0.90 -5.00 19.96
C ALA B 87 -0.20 -5.66 20.78
N ALA B 88 -1.40 -5.75 20.20
CA ALA B 88 -2.53 -6.42 20.83
C ALA B 88 -2.44 -7.90 20.47
N TYR B 89 -2.34 -8.77 21.48
CA TYR B 89 -2.20 -10.22 21.29
C TYR B 89 -3.43 -10.86 20.66
N ASN B 90 -4.62 -10.32 20.97
CA ASN B 90 -5.90 -10.80 20.45
C ASN B 90 -6.36 -10.05 19.17
N ALA B 91 -5.42 -9.34 18.51
CA ALA B 91 -5.75 -8.60 17.29
C ALA B 91 -5.86 -9.52 16.09
N ILE B 92 -6.88 -9.26 15.25
CA ILE B 92 -7.19 -10.00 14.02
C ILE B 92 -6.76 -9.17 12.79
N SER B 93 -6.67 -7.84 12.95
CA SER B 93 -6.29 -6.93 11.88
C SER B 93 -5.06 -6.10 12.26
N LYS B 94 -4.36 -5.59 11.23
CA LYS B 94 -3.19 -4.72 11.38
C LYS B 94 -3.68 -3.35 11.88
N PRO B 95 -3.08 -2.76 12.94
CA PRO B 95 -3.57 -1.45 13.42
C PRO B 95 -3.41 -0.36 12.36
N GLU B 96 -4.52 0.34 12.04
CA GLU B 96 -4.52 1.39 11.03
C GLU B 96 -4.45 2.77 11.70
N VAL B 97 -3.32 3.47 11.53
CA VAL B 97 -3.12 4.81 12.10
C VAL B 97 -3.81 5.82 11.18
N LEU B 98 -4.84 6.52 11.72
CA LEU B 98 -5.67 7.48 10.99
C LEU B 98 -5.14 8.91 10.99
N THR B 99 -4.31 9.27 11.98
CA THR B 99 -3.79 10.62 12.21
C THR B 99 -2.32 10.88 11.81
N PRO B 100 -1.87 12.17 11.70
CA PRO B 100 -0.46 12.45 11.35
C PRO B 100 0.46 11.79 12.36
N GLN B 101 1.43 11.00 11.84
CA GLN B 101 2.37 10.24 12.66
C GLN B 101 3.45 11.14 13.29
N LEU B 102 3.00 11.98 14.23
CA LEU B 102 3.81 12.94 14.98
C LEU B 102 3.64 12.75 16.47
N ALA B 103 4.75 12.89 17.20
CA ALA B 103 4.77 12.79 18.65
C ALA B 103 5.21 14.15 19.22
N ARG B 104 4.85 14.43 20.47
CA ARG B 104 5.22 15.66 21.15
C ARG B 104 6.37 15.34 22.10
N VAL B 105 7.53 15.99 21.89
CA VAL B 105 8.73 15.77 22.70
C VAL B 105 9.00 17.00 23.57
N VAL B 106 9.10 16.78 24.88
CA VAL B 106 9.37 17.83 25.86
C VAL B 106 10.90 17.94 26.05
N SER B 107 11.38 19.10 26.52
CA SER B 107 12.80 19.41 26.77
C SER B 107 13.50 18.45 27.75
N ASP B 108 12.73 17.74 28.59
CA ASP B 108 13.25 16.78 29.57
C ASP B 108 13.46 15.37 28.99
N GLY B 109 13.05 15.19 27.73
CA GLY B 109 13.17 13.92 27.02
C GLY B 109 11.90 13.10 26.97
N GLU B 110 10.79 13.62 27.55
CA GLU B 110 9.51 12.91 27.56
C GLU B 110 8.87 12.92 26.19
N VAL B 111 8.43 11.75 25.72
CA VAL B 111 7.79 11.58 24.43
C VAL B 111 6.32 11.23 24.66
N LEU B 112 5.43 11.99 24.02
CA LEU B 112 3.98 11.79 24.11
C LEU B 112 3.43 11.56 22.70
N TYR B 113 3.11 10.29 22.39
CA TYR B 113 2.56 9.91 21.10
C TYR B 113 1.14 9.37 21.31
N MET B 114 0.16 9.95 20.59
CA MET B 114 -1.22 9.54 20.72
C MET B 114 -1.91 9.39 19.35
N PRO B 115 -1.69 8.27 18.64
CA PRO B 115 -2.37 8.11 17.35
C PRO B 115 -3.80 7.59 17.48
N SER B 116 -4.66 7.87 16.48
CA SER B 116 -6.02 7.35 16.44
C SER B 116 -5.91 6.07 15.61
N ILE B 117 -6.30 4.93 16.20
CA ILE B 117 -6.17 3.62 15.55
C ILE B 117 -7.51 2.95 15.29
N ARG B 118 -7.72 2.48 14.05
CA ARG B 118 -8.89 1.70 13.65
C ARG B 118 -8.41 0.25 13.58
N GLN B 119 -8.95 -0.63 14.45
CA GLN B 119 -8.55 -2.04 14.52
C GLN B 119 -9.71 -2.98 14.84
N ARG B 120 -9.65 -4.20 14.26
CA ARG B 120 -10.60 -5.28 14.48
C ARG B 120 -10.05 -6.24 15.54
N PHE B 121 -10.91 -6.72 16.45
CA PHE B 121 -10.52 -7.62 17.53
C PHE B 121 -11.40 -8.84 17.64
N SER B 122 -10.88 -9.91 18.27
CA SER B 122 -11.62 -11.14 18.56
C SER B 122 -12.26 -10.94 19.92
N CYS B 123 -13.57 -10.69 19.92
CA CYS B 123 -14.41 -10.47 21.11
C CYS B 123 -15.80 -11.08 20.77
N ASP B 124 -16.32 -11.93 21.67
CA ASP B 124 -17.60 -12.62 21.47
C ASP B 124 -18.78 -11.65 21.30
N VAL B 125 -19.36 -11.65 20.09
CA VAL B 125 -20.46 -10.76 19.67
C VAL B 125 -21.86 -11.21 20.16
N SER B 126 -21.95 -12.37 20.83
CA SER B 126 -23.23 -12.88 21.34
C SER B 126 -23.65 -12.13 22.60
N GLY B 127 -24.84 -11.54 22.56
CA GLY B 127 -25.41 -10.79 23.67
C GLY B 127 -25.07 -9.32 23.70
N VAL B 128 -24.92 -8.68 22.52
CA VAL B 128 -24.64 -7.24 22.42
C VAL B 128 -25.92 -6.43 22.61
N ASP B 129 -27.07 -7.01 22.23
CA ASP B 129 -28.40 -6.41 22.34
C ASP B 129 -28.96 -6.49 23.76
N THR B 130 -28.44 -7.43 24.59
CA THR B 130 -28.88 -7.64 25.97
C THR B 130 -28.42 -6.53 26.92
N GLU B 131 -29.09 -6.42 28.09
CA GLU B 131 -28.89 -5.43 29.17
C GLU B 131 -27.44 -5.30 29.64
N SER B 132 -26.80 -6.44 29.94
CA SER B 132 -25.41 -6.53 30.41
C SER B 132 -24.39 -6.28 29.30
N GLY B 133 -24.80 -6.55 28.05
CA GLY B 133 -23.98 -6.41 26.87
C GLY B 133 -22.95 -7.52 26.73
N ALA B 134 -21.83 -7.22 26.06
CA ALA B 134 -20.73 -8.16 25.84
C ALA B 134 -19.40 -7.45 26.11
N THR B 135 -18.59 -8.00 27.04
CA THR B 135 -17.28 -7.45 27.41
C THR B 135 -16.21 -7.90 26.43
N CYS B 136 -15.51 -6.93 25.83
CA CYS B 136 -14.44 -7.13 24.86
C CYS B 136 -13.07 -6.92 25.51
N ARG B 137 -12.29 -8.01 25.67
CA ARG B 137 -10.97 -8.02 26.30
C ARG B 137 -9.88 -7.79 25.25
N ILE B 138 -8.99 -6.79 25.47
CA ILE B 138 -7.87 -6.45 24.58
C ILE B 138 -6.54 -6.51 25.37
N LYS B 139 -5.60 -7.37 24.91
CA LYS B 139 -4.30 -7.59 25.55
C LYS B 139 -3.15 -6.86 24.84
N ILE B 140 -2.71 -5.71 25.39
CA ILE B 140 -1.62 -4.89 24.83
C ILE B 140 -0.32 -5.18 25.60
N GLY B 141 0.76 -5.40 24.87
CA GLY B 141 2.09 -5.63 25.43
C GLY B 141 3.20 -5.54 24.41
N SER B 142 4.47 -5.55 24.89
CA SER B 142 5.66 -5.50 24.05
C SER B 142 5.77 -6.83 23.31
N TRP B 143 6.02 -6.78 21.99
CA TRP B 143 6.11 -7.97 21.18
C TRP B 143 7.40 -8.79 21.38
N THR B 144 8.54 -8.11 21.68
CA THR B 144 9.84 -8.77 21.83
C THR B 144 10.58 -8.48 23.17
N HIS B 145 10.20 -7.43 23.91
CA HIS B 145 10.88 -7.09 25.18
C HIS B 145 10.16 -7.56 26.43
N HIS B 146 10.94 -7.94 27.47
CA HIS B 146 10.44 -8.36 28.78
C HIS B 146 10.40 -7.18 29.76
N SER B 147 9.85 -7.38 30.98
CA SER B 147 9.69 -6.36 32.02
C SER B 147 10.99 -5.65 32.44
N ARG B 148 12.15 -6.26 32.13
CA ARG B 148 13.45 -5.67 32.47
C ARG B 148 13.93 -4.67 31.40
N GLU B 149 13.24 -4.60 30.25
CA GLU B 149 13.55 -3.71 29.13
C GLU B 149 12.46 -2.66 28.89
N ILE B 150 11.17 -3.08 28.83
CA ILE B 150 9.99 -2.20 28.68
C ILE B 150 8.98 -2.54 29.77
N SER B 151 8.71 -1.58 30.68
CA SER B 151 7.70 -1.78 31.71
C SER B 151 6.42 -1.07 31.27
N VAL B 152 5.33 -1.84 31.09
CA VAL B 152 4.06 -1.27 30.64
C VAL B 152 3.16 -0.94 31.84
N ASP B 153 2.46 0.22 31.79
CA ASP B 153 1.59 0.68 32.88
C ASP B 153 0.30 1.34 32.38
N PRO B 154 -0.88 1.05 32.98
CA PRO B 154 -2.11 1.69 32.51
C PRO B 154 -2.36 3.05 33.16
N ASP B 161 -17.45 4.46 31.55
CA ASP B 161 -17.83 5.48 30.56
C ASP B 161 -16.62 6.25 30.04
N SER B 162 -16.80 6.94 28.89
CA SER B 162 -15.77 7.78 28.25
C SER B 162 -16.35 9.14 27.85
N GLU B 163 -15.49 10.18 27.88
CA GLU B 163 -15.79 11.56 27.47
C GLU B 163 -15.10 11.83 26.10
N TYR B 164 -14.90 10.74 25.34
CA TYR B 164 -14.25 10.69 24.03
C TYR B 164 -15.16 10.03 23.00
N PHE B 165 -16.02 9.11 23.47
CA PHE B 165 -16.93 8.32 22.66
C PHE B 165 -18.01 9.14 21.96
N SER B 166 -18.18 8.89 20.63
CA SER B 166 -19.13 9.55 19.74
C SER B 166 -20.56 9.32 20.16
N GLN B 167 -21.36 10.40 20.15
CA GLN B 167 -22.79 10.38 20.49
C GLN B 167 -23.60 9.78 19.34
N TYR B 168 -23.02 9.81 18.12
CA TYR B 168 -23.63 9.32 16.89
C TYR B 168 -23.38 7.83 16.64
N SER B 169 -22.70 7.14 17.56
CA SER B 169 -22.42 5.71 17.44
C SER B 169 -23.67 4.88 17.70
N ARG B 170 -23.76 3.71 17.04
CA ARG B 170 -24.86 2.74 17.18
C ARG B 170 -24.76 2.02 18.53
N PHE B 171 -23.56 2.01 19.15
CA PHE B 171 -23.28 1.37 20.43
C PHE B 171 -23.11 2.37 21.57
N GLU B 172 -23.14 1.87 22.81
CA GLU B 172 -23.04 2.66 24.03
C GLU B 172 -22.06 2.00 25.00
N ILE B 173 -21.09 2.80 25.52
CA ILE B 173 -20.09 2.32 26.48
C ILE B 173 -20.71 2.20 27.87
N LEU B 174 -20.54 1.04 28.51
CA LEU B 174 -21.02 0.77 29.86
C LEU B 174 -19.90 1.03 30.87
N ASP B 175 -18.69 0.48 30.60
CA ASP B 175 -17.50 0.64 31.44
C ASP B 175 -16.23 0.22 30.69
N VAL B 176 -15.15 0.99 30.91
CA VAL B 176 -13.82 0.72 30.33
C VAL B 176 -12.86 0.57 31.50
N THR B 177 -12.22 -0.59 31.61
CA THR B 177 -11.26 -0.86 32.68
C THR B 177 -9.94 -1.30 32.08
N GLN B 178 -8.84 -0.71 32.56
CA GLN B 178 -7.48 -1.00 32.10
C GLN B 178 -6.63 -1.43 33.30
N LYS B 179 -6.20 -2.70 33.30
CA LYS B 179 -5.41 -3.30 34.39
C LYS B 179 -4.06 -3.84 33.94
N LYS B 180 -3.04 -3.72 34.80
CA LYS B 180 -1.70 -4.24 34.55
C LYS B 180 -1.60 -5.68 35.05
N ASN B 181 -1.10 -6.60 34.20
CA ASN B 181 -0.92 -8.00 34.55
C ASN B 181 0.56 -8.34 34.42
N SER B 182 1.20 -8.73 35.55
CA SER B 182 2.61 -9.10 35.59
C SER B 182 2.74 -10.58 35.98
N VAL B 183 3.14 -11.42 35.01
CA VAL B 183 3.28 -12.87 35.21
C VAL B 183 4.74 -13.32 35.02
N THR B 184 5.26 -14.05 36.00
CA THR B 184 6.62 -14.62 35.96
C THR B 184 6.48 -16.13 35.83
N TYR B 185 6.90 -16.68 34.66
CA TYR B 185 6.81 -18.12 34.37
C TYR B 185 7.91 -18.91 35.07
N SER B 186 7.65 -20.21 35.34
CA SER B 186 8.58 -21.11 36.03
C SER B 186 9.93 -21.32 35.32
N CYS B 187 9.92 -21.27 33.98
CA CYS B 187 11.07 -21.47 33.10
C CYS B 187 12.18 -20.45 33.28
N CYS B 188 11.74 -19.20 33.29
CA CYS B 188 12.39 -17.96 33.03
C CYS B 188 12.37 -16.96 34.18
N PRO B 189 13.53 -16.30 34.47
CA PRO B 189 13.59 -15.37 35.62
C PRO B 189 12.85 -14.05 35.47
N GLU B 190 12.87 -13.46 34.26
CA GLU B 190 12.24 -12.18 33.97
C GLU B 190 10.71 -12.25 33.98
N ALA B 191 10.05 -11.18 34.47
CA ALA B 191 8.58 -11.09 34.51
C ALA B 191 8.06 -10.64 33.13
N TYR B 192 6.79 -10.93 32.85
CA TYR B 192 6.14 -10.55 31.60
C TYR B 192 4.88 -9.75 31.87
N GLU B 193 4.87 -8.52 31.35
CA GLU B 193 3.78 -7.57 31.57
C GLU B 193 2.89 -7.32 30.36
N ASP B 194 1.64 -6.93 30.64
CA ASP B 194 0.61 -6.59 29.66
C ASP B 194 -0.47 -5.72 30.31
N VAL B 195 -1.18 -4.93 29.49
CA VAL B 195 -2.28 -4.08 29.94
C VAL B 195 -3.56 -4.64 29.33
N GLU B 196 -4.45 -5.16 30.20
CA GLU B 196 -5.72 -5.75 29.78
C GLU B 196 -6.81 -4.70 29.80
N VAL B 197 -7.30 -4.33 28.60
CA VAL B 197 -8.34 -3.34 28.39
C VAL B 197 -9.67 -4.07 28.16
N SER B 198 -10.61 -3.92 29.10
CA SER B 198 -11.92 -4.56 28.99
C SER B 198 -13.00 -3.54 28.68
N LEU B 199 -13.51 -3.58 27.44
CA LEU B 199 -14.55 -2.70 26.92
C LEU B 199 -15.95 -3.35 27.05
N ASN B 200 -16.76 -2.83 27.99
CA ASN B 200 -18.14 -3.30 28.18
C ASN B 200 -19.05 -2.35 27.41
N PHE B 201 -19.78 -2.88 26.41
CA PHE B 201 -20.65 -2.09 25.54
C PHE B 201 -21.92 -2.84 25.11
N ARG B 202 -22.97 -2.07 24.74
CA ARG B 202 -24.25 -2.61 24.27
C ARG B 202 -24.87 -1.76 23.15
N LYS B 203 -25.79 -2.34 22.37
CA LYS B 203 -26.47 -1.64 21.28
C LYS B 203 -27.55 -0.70 21.86
N LYS B 204 -27.68 0.51 21.30
CA LYS B 204 -28.65 1.53 21.72
C LYS B 204 -30.09 1.10 21.39
N GLY B 205 -31.04 1.56 22.20
CA GLY B 205 -32.47 1.26 22.05
C GLY B 205 -33.36 2.32 22.66
N LEU C 1 35.01 -17.45 -5.55
CA LEU C 1 34.07 -16.50 -5.00
C LEU C 1 33.04 -17.22 -4.13
N ASP C 2 32.64 -16.61 -3.01
CA ASP C 2 31.59 -17.17 -2.14
C ASP C 2 30.27 -16.48 -2.49
N ARG C 3 29.16 -16.94 -1.88
CA ARG C 3 27.83 -16.37 -2.11
C ARG C 3 27.78 -14.86 -1.87
N ALA C 4 28.42 -14.40 -0.76
CA ALA C 4 28.48 -13.00 -0.39
C ALA C 4 29.18 -12.16 -1.46
N ASP C 5 30.28 -12.68 -2.05
CA ASP C 5 31.04 -12.01 -3.10
C ASP C 5 30.22 -11.87 -4.38
N ILE C 6 29.52 -12.95 -4.78
CA ILE C 6 28.65 -13.00 -5.97
C ILE C 6 27.50 -12.00 -5.82
N LEU C 7 26.82 -12.01 -4.66
CA LEU C 7 25.70 -11.11 -4.37
C LEU C 7 26.10 -9.64 -4.29
N TYR C 8 27.31 -9.35 -3.79
CA TYR C 8 27.87 -8.00 -3.71
C TYR C 8 28.12 -7.47 -5.12
N ASN C 9 28.73 -8.30 -5.98
CA ASN C 9 29.02 -7.96 -7.38
C ASN C 9 27.76 -7.63 -8.14
N ILE C 10 26.69 -8.47 -7.99
CA ILE C 10 25.38 -8.28 -8.61
C ILE C 10 24.75 -6.97 -8.14
N ARG C 11 24.77 -6.72 -6.81
CA ARG C 11 24.23 -5.51 -6.18
C ARG C 11 24.97 -4.24 -6.66
N GLN C 12 26.32 -4.26 -6.68
CA GLN C 12 27.12 -3.11 -7.07
C GLN C 12 27.06 -2.80 -8.57
N THR C 13 26.95 -3.83 -9.42
CA THR C 13 26.88 -3.64 -10.88
C THR C 13 25.42 -3.75 -11.37
N SER C 14 24.47 -3.54 -10.44
CA SER C 14 23.03 -3.61 -10.67
C SER C 14 22.53 -2.50 -11.60
N ARG C 15 21.96 -2.91 -12.74
CA ARG C 15 21.34 -2.00 -13.70
C ARG C 15 19.95 -2.56 -14.07
N PRO C 16 18.98 -2.49 -13.12
CA PRO C 16 17.64 -3.06 -13.38
C PRO C 16 16.83 -2.32 -14.44
N ASP C 17 17.25 -1.09 -14.74
CA ASP C 17 16.65 -0.20 -15.73
C ASP C 17 17.19 -0.52 -17.14
N VAL C 18 18.31 -1.27 -17.21
CA VAL C 18 19.01 -1.63 -18.45
C VAL C 18 18.67 -3.05 -18.92
N ILE C 19 18.10 -3.14 -20.12
CA ILE C 19 17.75 -4.38 -20.81
C ILE C 19 19.05 -5.10 -21.24
N PRO C 20 19.25 -6.38 -20.88
CA PRO C 20 20.53 -7.04 -21.21
C PRO C 20 20.62 -7.55 -22.65
N THR C 21 20.48 -6.64 -23.61
CA THR C 21 20.58 -6.94 -25.04
C THR C 21 22.05 -7.16 -25.37
N GLN C 22 22.42 -8.43 -25.61
CA GLN C 22 23.79 -8.89 -25.94
C GLN C 22 23.96 -8.94 -27.47
N ARG C 23 24.89 -8.12 -28.01
CA ARG C 23 25.24 -8.00 -29.44
C ARG C 23 24.01 -7.62 -30.32
N ASP C 24 23.23 -6.62 -29.85
CA ASP C 24 22.00 -6.07 -30.46
C ASP C 24 20.91 -7.13 -30.75
N ARG C 25 21.03 -8.32 -30.13
CA ARG C 25 20.07 -9.43 -30.22
C ARG C 25 19.05 -9.25 -29.09
N PRO C 26 17.74 -9.56 -29.31
CA PRO C 26 16.77 -9.41 -28.22
C PRO C 26 16.99 -10.34 -27.02
N VAL C 27 16.37 -10.00 -25.88
CA VAL C 27 16.44 -10.82 -24.66
C VAL C 27 15.38 -11.93 -24.81
N ALA C 28 15.85 -13.18 -24.91
CA ALA C 28 14.97 -14.33 -25.07
C ALA C 28 14.27 -14.68 -23.76
N VAL C 29 13.03 -14.21 -23.62
CA VAL C 29 12.20 -14.43 -22.44
C VAL C 29 11.28 -15.63 -22.68
N SER C 30 11.29 -16.59 -21.75
CA SER C 30 10.47 -17.79 -21.78
C SER C 30 9.45 -17.74 -20.65
N VAL C 31 8.15 -17.68 -20.97
CA VAL C 31 7.08 -17.59 -19.98
C VAL C 31 6.18 -18.86 -20.03
N SER C 32 5.78 -19.34 -18.84
CA SER C 32 4.89 -20.49 -18.69
C SER C 32 4.07 -20.36 -17.42
N LEU C 33 2.74 -20.34 -17.57
CA LEU C 33 1.78 -20.20 -16.48
C LEU C 33 1.33 -21.57 -15.99
N LYS C 34 1.50 -21.83 -14.68
CA LYS C 34 1.08 -23.10 -14.06
C LYS C 34 0.01 -22.76 -13.04
N PHE C 35 -1.25 -23.09 -13.36
CA PHE C 35 -2.41 -22.78 -12.53
C PHE C 35 -2.48 -23.61 -11.27
N ILE C 36 -2.59 -22.91 -10.14
CA ILE C 36 -2.64 -23.48 -8.79
C ILE C 36 -4.08 -23.57 -8.29
N ASN C 37 -4.86 -22.49 -8.47
CA ASN C 37 -6.24 -22.45 -8.03
C ASN C 37 -7.12 -21.45 -8.81
N ILE C 38 -8.41 -21.77 -8.93
CA ILE C 38 -9.46 -20.95 -9.53
C ILE C 38 -10.42 -20.71 -8.36
N LEU C 39 -10.43 -19.49 -7.84
CA LEU C 39 -11.22 -19.12 -6.65
C LEU C 39 -12.65 -18.71 -6.96
N GLU C 40 -12.85 -17.53 -7.58
CA GLU C 40 -14.17 -17.02 -7.90
C GLU C 40 -14.43 -16.94 -9.39
N VAL C 41 -15.68 -17.24 -9.77
CA VAL C 41 -16.18 -17.17 -11.13
C VAL C 41 -17.49 -16.42 -11.08
N ASN C 42 -17.53 -15.26 -11.73
CA ASN C 42 -18.72 -14.42 -11.80
C ASN C 42 -19.24 -14.46 -13.24
N GLU C 43 -20.25 -15.30 -13.50
CA GLU C 43 -20.84 -15.46 -14.83
C GLU C 43 -21.57 -14.19 -15.29
N ILE C 44 -22.05 -13.37 -14.31
CA ILE C 44 -22.73 -12.10 -14.55
C ILE C 44 -21.76 -11.10 -15.20
N THR C 45 -20.61 -10.80 -14.53
CA THR C 45 -19.61 -9.85 -15.02
C THR C 45 -18.52 -10.46 -15.94
N ASN C 46 -18.54 -11.81 -16.16
CA ASN C 46 -17.56 -12.56 -16.96
C ASN C 46 -16.11 -12.36 -16.45
N GLU C 47 -15.92 -12.54 -15.14
CA GLU C 47 -14.63 -12.39 -14.46
C GLU C 47 -14.20 -13.70 -13.81
N VAL C 48 -12.90 -13.88 -13.61
CA VAL C 48 -12.32 -15.08 -13.01
C VAL C 48 -11.12 -14.69 -12.12
N ASP C 49 -11.12 -15.13 -10.85
CA ASP C 49 -10.03 -14.85 -9.92
C ASP C 49 -9.18 -16.12 -9.81
N VAL C 50 -7.92 -16.06 -10.30
CA VAL C 50 -7.03 -17.22 -10.33
C VAL C 50 -5.68 -16.99 -9.63
N VAL C 51 -5.08 -18.10 -9.15
CA VAL C 51 -3.75 -18.18 -8.55
C VAL C 51 -2.92 -19.05 -9.51
N PHE C 52 -1.76 -18.53 -9.95
CA PHE C 52 -0.88 -19.20 -10.90
C PHE C 52 0.59 -18.88 -10.68
N TRP C 53 1.46 -19.85 -10.97
CA TRP C 53 2.91 -19.69 -10.92
C TRP C 53 3.37 -19.22 -12.30
N GLN C 54 4.05 -18.07 -12.37
CA GLN C 54 4.53 -17.52 -13.63
C GLN C 54 6.03 -17.81 -13.79
N GLN C 55 6.37 -18.95 -14.42
CA GLN C 55 7.77 -19.30 -14.64
C GLN C 55 8.33 -18.44 -15.76
N THR C 56 9.19 -17.49 -15.38
CA THR C 56 9.83 -16.57 -16.31
C THR C 56 11.32 -16.82 -16.30
N THR C 57 11.90 -17.09 -17.48
CA THR C 57 13.34 -17.31 -17.62
C THR C 57 13.90 -16.47 -18.75
N TRP C 58 15.11 -15.94 -18.55
CA TRP C 58 15.85 -15.12 -19.50
C TRP C 58 17.34 -15.14 -19.15
N SER C 59 18.19 -14.66 -20.05
CA SER C 59 19.63 -14.62 -19.84
C SER C 59 20.10 -13.17 -19.70
N ASP C 60 20.96 -12.94 -18.71
CA ASP C 60 21.59 -11.65 -18.43
C ASP C 60 23.06 -11.96 -18.20
N ARG C 61 23.84 -11.98 -19.30
CA ARG C 61 25.27 -12.31 -19.31
C ARG C 61 26.13 -11.45 -18.38
N THR C 62 25.69 -10.20 -18.06
CA THR C 62 26.39 -9.27 -17.17
C THR C 62 26.42 -9.81 -15.71
N LEU C 63 25.51 -10.76 -15.39
CA LEU C 63 25.43 -11.38 -14.07
C LEU C 63 26.34 -12.62 -13.93
N ALA C 64 26.85 -13.16 -15.05
CA ALA C 64 27.69 -14.36 -15.07
C ALA C 64 29.03 -14.23 -14.35
N TRP C 65 29.43 -15.32 -13.65
CA TRP C 65 30.69 -15.46 -12.91
C TRP C 65 31.33 -16.83 -13.22
N ASN C 66 32.56 -17.07 -12.69
CA ASN C 66 33.41 -18.27 -12.77
C ASN C 66 34.49 -18.20 -13.87
N HIS C 69 35.24 -23.58 -8.25
CA HIS C 69 35.39 -23.40 -6.80
C HIS C 69 34.53 -22.22 -6.29
N SER C 70 33.28 -22.16 -6.78
CA SER C 70 32.28 -21.15 -6.46
C SER C 70 30.87 -21.77 -6.60
N PRO C 71 29.83 -21.24 -5.89
CA PRO C 71 28.48 -21.82 -6.08
C PRO C 71 27.97 -21.71 -7.51
N ASP C 72 27.24 -22.73 -7.98
CA ASP C 72 26.67 -22.77 -9.33
C ASP C 72 25.49 -21.82 -9.47
N GLN C 73 24.72 -21.63 -8.38
CA GLN C 73 23.52 -20.79 -8.36
C GLN C 73 23.41 -19.99 -7.07
N VAL C 74 22.73 -18.83 -7.14
CA VAL C 74 22.45 -17.94 -6.00
C VAL C 74 21.03 -17.40 -6.10
N SER C 75 20.43 -17.04 -4.95
CA SER C 75 19.10 -16.44 -4.88
C SER C 75 19.28 -14.94 -4.73
N VAL C 76 18.77 -14.19 -5.72
CA VAL C 76 18.91 -12.73 -5.79
C VAL C 76 17.52 -12.05 -5.75
N PRO C 77 17.30 -10.98 -4.93
CA PRO C 77 15.99 -10.30 -4.98
C PRO C 77 15.84 -9.57 -6.32
N ILE C 78 14.66 -9.68 -6.96
CA ILE C 78 14.37 -9.08 -8.29
C ILE C 78 14.59 -7.57 -8.37
N SER C 79 14.62 -6.86 -7.22
CA SER C 79 14.87 -5.41 -7.16
C SER C 79 16.29 -5.08 -7.65
N SER C 80 17.23 -6.06 -7.56
CA SER C 80 18.63 -5.94 -7.96
C SER C 80 18.84 -6.38 -9.43
N LEU C 81 17.77 -6.90 -10.07
CA LEU C 81 17.85 -7.39 -11.44
C LEU C 81 16.88 -6.70 -12.39
N TRP C 82 17.19 -6.74 -13.69
CA TRP C 82 16.29 -6.26 -14.72
C TRP C 82 15.26 -7.37 -14.91
N VAL C 83 13.99 -7.00 -15.09
CA VAL C 83 12.91 -7.96 -15.32
C VAL C 83 12.13 -7.53 -16.58
N PRO C 84 11.62 -8.48 -17.41
CA PRO C 84 10.84 -8.05 -18.59
C PRO C 84 9.53 -7.38 -18.20
N ASP C 85 9.07 -6.40 -18.99
CA ASP C 85 7.84 -5.65 -18.73
C ASP C 85 6.59 -6.39 -19.24
N LEU C 86 6.46 -7.66 -18.83
CA LEU C 86 5.35 -8.53 -19.20
C LEU C 86 4.06 -8.10 -18.52
N ALA C 87 2.98 -8.07 -19.30
CA ALA C 87 1.65 -7.69 -18.84
C ALA C 87 0.58 -8.42 -19.62
N ALA C 88 -0.53 -8.74 -18.93
CA ALA C 88 -1.68 -9.39 -19.53
C ALA C 88 -2.62 -8.28 -19.99
N TYR C 89 -2.82 -8.15 -21.31
CA TYR C 89 -3.70 -7.13 -21.90
C TYR C 89 -5.15 -7.32 -21.47
N ASN C 90 -5.49 -8.59 -21.19
CA ASN C 90 -6.78 -9.14 -20.75
C ASN C 90 -6.98 -8.96 -19.20
N ALA C 91 -6.05 -8.25 -18.52
CA ALA C 91 -6.13 -8.07 -17.06
C ALA C 91 -7.02 -6.94 -16.60
N ILE C 92 -7.83 -7.22 -15.56
CA ILE C 92 -8.78 -6.28 -14.94
C ILE C 92 -8.22 -5.82 -13.57
N SER C 93 -7.33 -6.62 -12.96
CA SER C 93 -6.72 -6.31 -11.67
C SER C 93 -5.20 -6.27 -11.75
N LYS C 94 -4.57 -5.58 -10.77
CA LYS C 94 -3.13 -5.46 -10.64
C LYS C 94 -2.59 -6.82 -10.17
N PRO C 95 -1.53 -7.38 -10.80
CA PRO C 95 -1.02 -8.69 -10.35
C PRO C 95 -0.49 -8.66 -8.93
N GLU C 96 -1.01 -9.54 -8.05
CA GLU C 96 -0.60 -9.61 -6.65
C GLU C 96 0.41 -10.74 -6.44
N VAL C 97 1.67 -10.39 -6.15
CA VAL C 97 2.73 -11.38 -5.90
C VAL C 97 2.60 -11.88 -4.46
N LEU C 98 2.32 -13.20 -4.30
CA LEU C 98 2.08 -13.85 -3.01
C LEU C 98 3.34 -14.38 -2.31
N THR C 99 4.40 -14.64 -3.09
CA THR C 99 5.65 -15.26 -2.63
C THR C 99 6.85 -14.31 -2.46
N PRO C 100 7.94 -14.72 -1.74
CA PRO C 100 9.12 -13.84 -1.61
C PRO C 100 9.67 -13.47 -2.99
N GLN C 101 9.85 -12.17 -3.23
CA GLN C 101 10.31 -11.64 -4.51
C GLN C 101 11.81 -11.86 -4.74
N LEU C 102 12.17 -13.14 -4.90
CA LEU C 102 13.52 -13.62 -5.17
C LEU C 102 13.54 -14.46 -6.44
N ALA C 103 14.62 -14.32 -7.20
CA ALA C 103 14.87 -15.06 -8.44
C ALA C 103 16.12 -15.92 -8.24
N ARG C 104 16.24 -17.00 -9.02
CA ARG C 104 17.39 -17.88 -8.95
C ARG C 104 18.29 -17.56 -10.13
N VAL C 105 19.55 -17.16 -9.85
CA VAL C 105 20.51 -16.79 -10.88
C VAL C 105 21.60 -17.87 -10.95
N VAL C 106 21.76 -18.47 -12.15
CA VAL C 106 22.75 -19.50 -12.42
C VAL C 106 24.04 -18.82 -12.92
N SER C 107 25.22 -19.43 -12.63
CA SER C 107 26.56 -18.94 -12.98
C SER C 107 26.73 -18.52 -14.45
N ASP C 108 25.89 -19.03 -15.37
CA ASP C 108 25.95 -18.72 -16.80
C ASP C 108 25.25 -17.38 -17.15
N GLY C 109 24.53 -16.80 -16.18
CA GLY C 109 23.80 -15.55 -16.35
C GLY C 109 22.31 -15.73 -16.48
N GLU C 110 21.85 -16.99 -16.44
CA GLU C 110 20.43 -17.33 -16.56
C GLU C 110 19.67 -16.94 -15.29
N VAL C 111 18.55 -16.24 -15.47
CA VAL C 111 17.68 -15.78 -14.39
C VAL C 111 16.38 -16.57 -14.47
N LEU C 112 15.99 -17.20 -13.35
CA LEU C 112 14.77 -17.97 -13.23
C LEU C 112 13.91 -17.37 -12.11
N TYR C 113 12.87 -16.63 -12.49
CA TYR C 113 11.95 -16.00 -11.55
C TYR C 113 10.57 -16.64 -11.71
N MET C 114 10.03 -17.18 -10.60
CA MET C 114 8.73 -17.83 -10.64
C MET C 114 7.83 -17.39 -9.47
N PRO C 115 7.20 -16.20 -9.55
CA PRO C 115 6.31 -15.79 -8.46
C PRO C 115 4.92 -16.41 -8.56
N SER C 116 4.22 -16.53 -7.40
CA SER C 116 2.84 -17.00 -7.38
C SER C 116 2.00 -15.73 -7.43
N ILE C 117 1.14 -15.61 -8.46
CA ILE C 117 0.35 -14.41 -8.69
C ILE C 117 -1.15 -14.66 -8.57
N ARG C 118 -1.84 -13.80 -7.80
CA ARG C 118 -3.30 -13.81 -7.67
C ARG C 118 -3.78 -12.64 -8.54
N GLN C 119 -4.55 -12.94 -9.59
CA GLN C 119 -5.05 -11.92 -10.52
C GLN C 119 -6.44 -12.25 -11.09
N ARG C 120 -7.23 -11.21 -11.34
CA ARG C 120 -8.57 -11.28 -11.93
C ARG C 120 -8.46 -10.99 -13.44
N PHE C 121 -9.22 -11.74 -14.27
CA PHE C 121 -9.21 -11.61 -15.73
C PHE C 121 -10.59 -11.59 -16.34
N SER C 122 -10.70 -10.93 -17.51
CA SER C 122 -11.95 -10.89 -18.27
C SER C 122 -11.96 -12.13 -19.15
N CYS C 123 -12.84 -13.10 -18.83
CA CYS C 123 -12.93 -14.37 -19.55
C CYS C 123 -14.38 -14.81 -19.74
N ASP C 124 -14.66 -15.53 -20.85
CA ASP C 124 -16.00 -16.06 -21.13
C ASP C 124 -16.30 -17.25 -20.23
N VAL C 125 -16.81 -16.96 -19.03
CA VAL C 125 -17.14 -17.99 -18.03
C VAL C 125 -18.56 -18.55 -18.27
N SER C 126 -19.06 -18.43 -19.52
CA SER C 126 -20.37 -18.93 -19.94
C SER C 126 -20.31 -20.46 -20.01
N GLY C 127 -21.23 -21.11 -19.31
CA GLY C 127 -21.30 -22.56 -19.24
C GLY C 127 -20.13 -23.18 -18.50
N VAL C 128 -19.91 -22.73 -17.25
CA VAL C 128 -18.85 -23.26 -16.39
C VAL C 128 -19.31 -24.58 -15.78
N ASP C 129 -20.64 -24.72 -15.57
CA ASP C 129 -21.29 -25.91 -15.02
C ASP C 129 -21.42 -27.04 -16.04
N THR C 130 -21.32 -26.70 -17.36
CA THR C 130 -21.43 -27.66 -18.47
C THR C 130 -20.19 -28.58 -18.54
N GLU C 131 -20.33 -29.73 -19.25
CA GLU C 131 -19.27 -30.74 -19.42
C GLU C 131 -18.07 -30.17 -20.21
N SER C 132 -18.34 -29.32 -21.22
CA SER C 132 -17.30 -28.69 -22.04
C SER C 132 -16.57 -27.59 -21.26
N GLY C 133 -17.24 -27.03 -20.25
CA GLY C 133 -16.70 -25.99 -19.39
C GLY C 133 -16.48 -24.66 -20.08
N ALA C 134 -15.66 -23.79 -19.47
CA ALA C 134 -15.33 -22.48 -20.01
C ALA C 134 -13.86 -22.41 -20.36
N THR C 135 -13.52 -21.76 -21.49
CA THR C 135 -12.13 -21.61 -21.94
C THR C 135 -11.71 -20.13 -21.81
N CYS C 136 -11.02 -19.83 -20.71
CA CYS C 136 -10.52 -18.51 -20.35
C CYS C 136 -9.17 -18.25 -21.02
N ARG C 137 -9.12 -17.27 -21.96
CA ARG C 137 -7.90 -16.94 -22.69
C ARG C 137 -7.24 -15.64 -22.18
N ILE C 138 -5.90 -15.71 -21.91
CA ILE C 138 -5.06 -14.60 -21.41
C ILE C 138 -3.92 -14.30 -22.42
N LYS C 139 -3.72 -13.02 -22.81
CA LYS C 139 -2.66 -12.63 -23.73
C LYS C 139 -1.51 -11.87 -23.04
N ILE C 140 -0.37 -12.54 -22.84
CA ILE C 140 0.80 -11.96 -22.17
C ILE C 140 1.81 -11.46 -23.20
N GLY C 141 2.35 -10.27 -22.98
CA GLY C 141 3.37 -9.67 -23.83
C GLY C 141 4.08 -8.50 -23.19
N SER C 142 5.18 -8.03 -23.81
CA SER C 142 5.95 -6.87 -23.34
C SER C 142 5.09 -5.61 -23.52
N TRP C 143 5.04 -4.76 -22.49
CA TRP C 143 4.22 -3.55 -22.53
C TRP C 143 4.79 -2.43 -23.42
N THR C 144 6.14 -2.31 -23.49
CA THR C 144 6.80 -1.23 -24.25
C THR C 144 7.84 -1.70 -25.29
N HIS C 145 8.31 -2.96 -25.25
CA HIS C 145 9.31 -3.44 -26.22
C HIS C 145 8.73 -4.29 -27.33
N HIS C 146 9.33 -4.24 -28.54
CA HIS C 146 8.96 -5.08 -29.69
C HIS C 146 9.87 -6.33 -29.70
N SER C 147 9.59 -7.28 -30.63
CA SER C 147 10.32 -8.55 -30.75
C SER C 147 11.84 -8.42 -30.89
N ARG C 148 12.35 -7.29 -31.43
CA ARG C 148 13.77 -7.05 -31.62
C ARG C 148 14.50 -6.63 -30.31
N GLU C 149 13.74 -6.35 -29.24
CA GLU C 149 14.26 -5.97 -27.92
C GLU C 149 14.00 -7.09 -26.90
N ILE C 150 12.79 -7.68 -26.93
CA ILE C 150 12.38 -8.78 -26.05
C ILE C 150 11.59 -9.78 -26.90
N SER C 151 12.02 -11.05 -26.89
CA SER C 151 11.27 -12.11 -27.58
C SER C 151 10.59 -12.99 -26.53
N VAL C 152 9.24 -13.04 -26.55
CA VAL C 152 8.43 -13.80 -25.59
C VAL C 152 8.07 -15.19 -26.18
N ASP C 153 8.36 -16.27 -25.44
CA ASP C 153 8.17 -17.65 -25.90
C ASP C 153 7.50 -18.56 -24.85
N PRO C 154 6.60 -19.49 -25.26
CA PRO C 154 5.94 -20.36 -24.27
C PRO C 154 6.76 -21.64 -24.02
N THR C 155 7.13 -21.92 -22.75
CA THR C 155 7.93 -23.10 -22.37
C THR C 155 7.33 -24.40 -22.91
N THR C 156 6.03 -24.60 -22.67
CA THR C 156 5.28 -25.76 -23.14
C THR C 156 4.36 -25.35 -24.33
N GLU C 157 3.30 -26.14 -24.61
CA GLU C 157 2.35 -25.87 -25.69
C GLU C 157 0.86 -25.81 -25.24
N ASN C 158 0.41 -26.53 -24.18
CA ASN C 158 1.19 -27.43 -23.34
C ASN C 158 1.18 -28.88 -23.91
N SER C 159 0.03 -29.57 -24.09
CA SER C 159 -1.36 -29.21 -23.77
C SER C 159 -1.73 -29.65 -22.32
N ASP C 160 -0.74 -30.19 -21.58
CA ASP C 160 -0.78 -30.70 -20.20
C ASP C 160 -1.72 -29.94 -19.26
N ASP C 161 -2.50 -30.69 -18.46
CA ASP C 161 -3.46 -30.17 -17.48
C ASP C 161 -2.69 -29.55 -16.30
N SER C 162 -2.54 -30.28 -15.16
CA SER C 162 -1.80 -29.83 -13.98
C SER C 162 -1.58 -30.89 -12.92
N GLU C 163 -0.41 -30.85 -12.29
CA GLU C 163 0.02 -31.70 -11.17
C GLU C 163 0.20 -30.77 -9.95
N TYR C 164 0.22 -29.45 -10.21
CA TYR C 164 0.37 -28.35 -9.26
C TYR C 164 -0.98 -27.77 -8.80
N PHE C 165 -2.04 -27.94 -9.62
CA PHE C 165 -3.40 -27.47 -9.33
C PHE C 165 -3.97 -28.17 -8.12
N SER C 166 -4.56 -27.39 -7.18
CA SER C 166 -5.12 -27.89 -5.94
C SER C 166 -6.29 -28.85 -6.15
N GLN C 167 -6.24 -29.99 -5.44
CA GLN C 167 -7.28 -31.02 -5.48
C GLN C 167 -8.52 -30.56 -4.69
N TYR C 168 -8.33 -29.59 -3.77
CA TYR C 168 -9.37 -29.03 -2.91
C TYR C 168 -10.11 -27.84 -3.54
N SER C 169 -9.79 -27.49 -4.80
CA SER C 169 -10.45 -26.41 -5.52
C SER C 169 -11.88 -26.82 -5.94
N ARG C 170 -12.78 -25.83 -6.05
CA ARG C 170 -14.18 -26.02 -6.46
C ARG C 170 -14.25 -26.31 -7.97
N PHE C 171 -13.20 -25.93 -8.73
CA PHE C 171 -13.10 -26.12 -10.17
C PHE C 171 -12.11 -27.23 -10.55
N GLU C 172 -12.15 -27.67 -11.80
CA GLU C 172 -11.31 -28.74 -12.34
C GLU C 172 -10.74 -28.33 -13.71
N ILE C 173 -9.41 -28.50 -13.88
CA ILE C 173 -8.73 -28.17 -15.13
C ILE C 173 -8.95 -29.26 -16.16
N LEU C 174 -9.39 -28.88 -17.36
CA LEU C 174 -9.61 -29.78 -18.49
C LEU C 174 -8.39 -29.81 -19.40
N ASP C 175 -7.86 -28.61 -19.76
CA ASP C 175 -6.68 -28.44 -20.63
C ASP C 175 -6.14 -27.02 -20.54
N VAL C 176 -4.81 -26.88 -20.56
CA VAL C 176 -4.12 -25.59 -20.56
C VAL C 176 -3.26 -25.52 -21.84
N THR C 177 -3.51 -24.51 -22.71
CA THR C 177 -2.79 -24.35 -23.98
C THR C 177 -2.09 -22.99 -24.09
N GLN C 178 -0.76 -22.99 -24.19
CA GLN C 178 0.09 -21.80 -24.29
C GLN C 178 0.73 -21.72 -25.70
N LYS C 179 0.33 -20.71 -26.51
CA LYS C 179 0.83 -20.54 -27.87
C LYS C 179 1.46 -19.17 -28.13
N LYS C 180 2.50 -19.15 -28.96
CA LYS C 180 3.20 -17.91 -29.34
C LYS C 180 2.55 -17.34 -30.60
N ASN C 181 2.22 -16.03 -30.56
CA ASN C 181 1.64 -15.33 -31.69
C ASN C 181 2.59 -14.20 -32.11
N SER C 182 3.12 -14.27 -33.34
CA SER C 182 4.04 -13.27 -33.88
C SER C 182 3.41 -12.60 -35.09
N VAL C 183 3.03 -11.32 -34.94
CA VAL C 183 2.37 -10.55 -35.99
C VAL C 183 3.24 -9.37 -36.42
N THR C 184 3.49 -9.25 -37.74
CA THR C 184 4.25 -8.15 -38.34
C THR C 184 3.27 -7.28 -39.13
N TYR C 185 3.05 -6.04 -38.67
CA TYR C 185 2.12 -5.10 -39.30
C TYR C 185 2.74 -4.45 -40.55
N SER C 186 1.89 -4.01 -41.50
CA SER C 186 2.33 -3.39 -42.76
C SER C 186 3.08 -2.07 -42.59
N CYS C 187 2.78 -1.33 -41.52
CA CYS C 187 3.36 -0.02 -41.17
C CYS C 187 4.86 -0.07 -40.89
N CYS C 188 5.20 -1.05 -40.08
CA CYS C 188 6.36 -1.23 -39.26
C CYS C 188 7.17 -2.51 -39.55
N PRO C 189 8.52 -2.40 -39.65
CA PRO C 189 9.32 -3.60 -39.99
C PRO C 189 9.43 -4.66 -38.90
N GLU C 190 9.46 -4.23 -37.63
CA GLU C 190 9.60 -5.12 -36.48
C GLU C 190 8.34 -5.92 -36.18
N ALA C 191 8.51 -7.19 -35.79
CA ALA C 191 7.41 -8.08 -35.45
C ALA C 191 6.93 -7.81 -34.03
N TYR C 192 5.70 -8.23 -33.71
CA TYR C 192 5.11 -8.06 -32.39
C TYR C 192 4.60 -9.39 -31.85
N GLU C 193 5.17 -9.79 -30.70
CA GLU C 193 4.90 -11.08 -30.09
C GLU C 193 4.06 -11.03 -28.82
N ASP C 194 3.38 -12.17 -28.54
CA ASP C 194 2.55 -12.40 -27.37
C ASP C 194 2.37 -13.91 -27.13
N VAL C 195 2.10 -14.29 -25.89
CA VAL C 195 1.84 -15.68 -25.51
C VAL C 195 0.37 -15.76 -25.09
N GLU C 196 -0.45 -16.48 -25.87
CA GLU C 196 -1.87 -16.66 -25.61
C GLU C 196 -2.09 -17.93 -24.77
N VAL C 197 -2.44 -17.75 -23.49
CA VAL C 197 -2.74 -18.82 -22.53
C VAL C 197 -4.24 -19.14 -22.64
N SER C 198 -4.61 -20.43 -22.68
CA SER C 198 -5.99 -20.85 -22.79
C SER C 198 -6.30 -21.90 -21.72
N LEU C 199 -7.06 -21.47 -20.71
CA LEU C 199 -7.45 -22.27 -19.54
C LEU C 199 -8.88 -22.81 -19.67
N ASN C 200 -8.98 -24.11 -19.99
CA ASN C 200 -10.27 -24.80 -20.09
C ASN C 200 -10.57 -25.46 -18.74
N PHE C 201 -11.65 -25.04 -18.10
CA PHE C 201 -12.03 -25.52 -16.75
C PHE C 201 -13.54 -25.62 -16.56
N ARG C 202 -13.97 -26.47 -15.61
CA ARG C 202 -15.38 -26.68 -15.26
C ARG C 202 -15.60 -26.89 -13.75
N LYS C 203 -16.85 -26.67 -13.28
CA LYS C 203 -17.30 -26.86 -11.89
C LYS C 203 -17.45 -28.35 -11.60
N LYS C 204 -17.11 -28.78 -10.37
CA LYS C 204 -17.15 -30.18 -9.94
C LYS C 204 -18.58 -30.74 -9.71
N GLY C 205 -19.41 -29.98 -9.00
CA GLY C 205 -20.79 -30.37 -8.70
C GLY C 205 -20.88 -31.45 -7.62
N LEU D 1 30.24 -3.96 25.17
CA LEU D 1 29.37 -3.30 24.20
C LEU D 1 27.99 -3.05 24.78
N ASP D 2 27.39 -1.89 24.45
CA ASP D 2 26.01 -1.58 24.87
C ASP D 2 25.06 -1.93 23.73
N ARG D 3 23.75 -1.82 23.96
CA ARG D 3 22.72 -2.11 22.94
C ARG D 3 22.94 -1.31 21.66
N ALA D 4 23.26 -0.01 21.81
CA ALA D 4 23.49 0.90 20.68
C ALA D 4 24.66 0.43 19.82
N ASP D 5 25.76 -0.04 20.47
CA ASP D 5 26.95 -0.55 19.79
C ASP D 5 26.67 -1.83 19.01
N ILE D 6 25.91 -2.76 19.62
CA ILE D 6 25.50 -4.04 19.02
C ILE D 6 24.61 -3.78 17.79
N LEU D 7 23.60 -2.90 17.93
CA LEU D 7 22.66 -2.56 16.86
C LEU D 7 23.33 -1.83 15.69
N TYR D 8 24.34 -0.99 15.99
CA TYR D 8 25.11 -0.26 14.98
C TYR D 8 25.94 -1.26 14.15
N ASN D 9 26.61 -2.20 14.83
CA ASN D 9 27.43 -3.24 14.21
C ASN D 9 26.60 -4.10 13.27
N ILE D 10 25.39 -4.54 13.73
CA ILE D 10 24.44 -5.34 12.94
C ILE D 10 23.99 -4.56 11.70
N ARG D 11 23.62 -3.28 11.87
CA ARG D 11 23.19 -2.38 10.81
C ARG D 11 24.30 -2.14 9.77
N GLN D 12 25.53 -1.84 10.22
CA GLN D 12 26.66 -1.56 9.34
C GLN D 12 27.18 -2.79 8.58
N THR D 13 27.16 -3.97 9.22
CA THR D 13 27.62 -5.23 8.59
C THR D 13 26.44 -6.06 8.08
N SER D 14 25.29 -5.38 7.85
CA SER D 14 24.03 -5.96 7.39
C SER D 14 24.13 -6.50 5.96
N ARG D 15 23.90 -7.82 5.82
CA ARG D 15 23.86 -8.51 4.54
C ARG D 15 22.55 -9.31 4.47
N PRO D 16 21.37 -8.64 4.33
CA PRO D 16 20.09 -9.38 4.32
C PRO D 16 19.86 -10.22 3.08
N ASP D 17 20.61 -9.92 2.02
CA ASP D 17 20.57 -10.60 0.73
C ASP D 17 21.45 -11.86 0.74
N VAL D 18 22.34 -11.97 1.74
CA VAL D 18 23.29 -13.09 1.88
C VAL D 18 22.84 -14.13 2.91
N ILE D 19 22.67 -15.37 2.44
CA ILE D 19 22.30 -16.54 3.23
C ILE D 19 23.49 -16.92 4.15
N PRO D 20 23.28 -17.03 5.49
CA PRO D 20 24.42 -17.31 6.39
C PRO D 20 24.85 -18.78 6.44
N THR D 21 25.20 -19.35 5.27
CA THR D 21 25.68 -20.73 5.16
C THR D 21 27.13 -20.77 5.66
N GLN D 22 27.35 -21.47 6.79
CA GLN D 22 28.67 -21.57 7.41
C GLN D 22 29.44 -22.78 6.88
N ARG D 23 30.25 -22.58 5.80
CA ARG D 23 31.08 -23.58 5.13
C ARG D 23 30.28 -24.78 4.57
N ASP D 24 29.57 -24.54 3.43
CA ASP D 24 28.74 -25.48 2.65
C ASP D 24 27.47 -25.99 3.37
N ARG D 25 27.50 -26.22 4.71
CA ARG D 25 26.36 -26.74 5.46
C ARG D 25 25.16 -25.78 5.47
N PRO D 26 23.94 -26.32 5.27
CA PRO D 26 22.73 -25.48 5.19
C PRO D 26 22.35 -24.75 6.47
N VAL D 27 21.54 -23.70 6.33
CA VAL D 27 21.02 -22.93 7.45
C VAL D 27 19.87 -23.74 8.04
N ALA D 28 19.99 -24.11 9.32
CA ALA D 28 18.97 -24.89 10.00
C ALA D 28 17.82 -23.98 10.46
N VAL D 29 16.74 -23.95 9.67
CA VAL D 29 15.55 -23.15 9.95
C VAL D 29 14.52 -24.04 10.65
N SER D 30 14.01 -23.57 11.79
CA SER D 30 13.00 -24.26 12.60
C SER D 30 11.71 -23.45 12.57
N VAL D 31 10.64 -24.03 11.99
CA VAL D 31 9.35 -23.35 11.85
C VAL D 31 8.26 -24.07 12.63
N SER D 32 7.39 -23.29 13.32
CA SER D 32 6.27 -23.81 14.11
C SER D 32 5.13 -22.81 14.09
N LEU D 33 3.97 -23.25 13.57
CA LEU D 33 2.74 -22.46 13.45
C LEU D 33 1.85 -22.65 14.67
N LYS D 34 1.50 -21.55 15.35
CA LYS D 34 0.62 -21.57 16.52
C LYS D 34 -0.63 -20.77 16.18
N PHE D 35 -1.75 -21.49 15.95
CA PHE D 35 -3.01 -20.90 15.53
C PHE D 35 -3.71 -20.13 16.65
N ILE D 36 -4.07 -18.87 16.35
CA ILE D 36 -4.70 -17.93 17.29
C ILE D 36 -6.20 -17.84 17.06
N ASN D 37 -6.63 -17.82 15.77
CA ASN D 37 -8.04 -17.73 15.40
C ASN D 37 -8.31 -18.18 13.97
N ILE D 38 -9.50 -18.77 13.74
CA ILE D 38 -10.02 -19.16 12.43
C ILE D 38 -11.20 -18.23 12.26
N LEU D 39 -11.10 -17.27 11.34
CA LEU D 39 -12.10 -16.22 11.15
C LEU D 39 -13.22 -16.59 10.18
N GLU D 40 -12.90 -16.69 8.88
CA GLU D 40 -13.88 -16.96 7.85
C GLU D 40 -13.66 -18.30 7.16
N VAL D 41 -14.78 -18.96 6.83
CA VAL D 41 -14.83 -20.24 6.12
C VAL D 41 -15.87 -20.05 5.01
N ASN D 42 -15.44 -20.14 3.73
CA ASN D 42 -16.30 -19.93 2.57
C ASN D 42 -16.40 -21.17 1.67
N GLU D 43 -17.61 -21.44 1.15
CA GLU D 43 -17.89 -22.57 0.27
C GLU D 43 -18.84 -22.13 -0.85
N THR D 45 -16.09 -22.04 -2.72
CA THR D 45 -14.74 -21.54 -3.02
C THR D 45 -13.65 -22.39 -2.35
N ASN D 46 -13.97 -23.04 -1.20
CA ASN D 46 -13.09 -23.88 -0.37
C ASN D 46 -11.90 -23.09 0.19
N GLU D 47 -12.20 -21.98 0.86
CA GLU D 47 -11.21 -21.09 1.44
C GLU D 47 -11.35 -21.01 2.97
N VAL D 48 -10.25 -20.65 3.66
CA VAL D 48 -10.23 -20.49 5.11
C VAL D 48 -9.28 -19.34 5.51
N ASP D 49 -9.81 -18.34 6.25
CA ASP D 49 -9.07 -17.17 6.72
C ASP D 49 -8.60 -17.43 8.16
N VAL D 50 -7.28 -17.58 8.35
CA VAL D 50 -6.70 -17.88 9.68
C VAL D 50 -5.65 -16.87 10.13
N VAL D 51 -5.49 -16.73 11.46
CA VAL D 51 -4.49 -15.89 12.12
C VAL D 51 -3.62 -16.84 12.94
N PHE D 52 -2.30 -16.82 12.69
CA PHE D 52 -1.33 -17.71 13.33
C PHE D 52 0.01 -17.03 13.60
N TRP D 53 0.69 -17.48 14.67
CA TRP D 53 2.04 -17.02 15.03
C TRP D 53 3.03 -17.97 14.35
N GLN D 54 3.94 -17.43 13.53
CA GLN D 54 4.93 -18.24 12.84
C GLN D 54 6.28 -18.13 13.54
N GLN D 55 6.55 -19.06 14.49
CA GLN D 55 7.82 -19.07 15.20
C GLN D 55 8.91 -19.61 14.28
N THR D 56 9.79 -18.70 13.84
CA THR D 56 10.89 -19.04 12.95
C THR D 56 12.22 -18.77 13.65
N THR D 57 13.07 -19.81 13.73
CA THR D 57 14.39 -19.69 14.35
C THR D 57 15.47 -20.25 13.44
N TRP D 58 16.63 -19.58 13.42
CA TRP D 58 17.81 -19.95 12.64
C TRP D 58 19.05 -19.29 13.24
N SER D 59 20.24 -19.73 12.83
CA SER D 59 21.50 -19.17 13.31
C SER D 59 22.21 -18.38 12.22
N ASP D 60 22.72 -17.20 12.59
CA ASP D 60 23.48 -16.32 11.72
C ASP D 60 24.70 -15.88 12.53
N ARG D 61 25.78 -16.69 12.44
CA ARG D 61 27.04 -16.53 13.17
C ARG D 61 27.73 -15.18 12.97
N THR D 62 27.43 -14.47 11.87
CA THR D 62 27.99 -13.15 11.58
C THR D 62 27.42 -12.06 12.51
N LEU D 63 26.26 -12.34 13.14
CA LEU D 63 25.59 -11.42 14.06
C LEU D 63 26.09 -11.56 15.50
N ALA D 64 26.80 -12.66 15.79
CA ALA D 64 27.33 -12.98 17.12
C ALA D 64 28.22 -11.91 17.74
N TRP D 65 28.19 -11.80 19.07
CA TRP D 65 29.01 -10.86 19.85
C TRP D 65 29.37 -11.44 21.23
N ASN D 66 30.40 -10.85 21.88
CA ASN D 66 30.84 -11.27 23.21
C ASN D 66 29.82 -10.81 24.26
N SER D 67 29.16 -11.78 24.91
CA SER D 67 28.14 -11.54 25.93
C SER D 67 28.70 -11.05 27.28
N SER D 68 30.02 -11.15 27.51
CA SER D 68 30.67 -10.70 28.75
C SER D 68 30.57 -9.17 28.86
N HIS D 69 29.90 -8.69 29.93
CA HIS D 69 29.64 -7.27 30.23
C HIS D 69 28.95 -6.56 29.05
N SER D 70 28.00 -7.28 28.44
CA SER D 70 27.20 -6.84 27.28
C SER D 70 25.83 -7.53 27.33
N PRO D 71 24.75 -6.95 26.75
CA PRO D 71 23.45 -7.65 26.79
C PRO D 71 23.48 -9.01 26.07
N ASP D 72 22.74 -9.98 26.60
CA ASP D 72 22.68 -11.33 26.02
C ASP D 72 21.86 -11.35 24.73
N GLN D 73 20.84 -10.50 24.65
CA GLN D 73 19.92 -10.41 23.52
C GLN D 73 19.55 -8.97 23.18
N VAL D 74 19.20 -8.73 21.92
CA VAL D 74 18.75 -7.43 21.39
C VAL D 74 17.59 -7.63 20.42
N SER D 75 16.73 -6.62 20.26
CA SER D 75 15.61 -6.63 19.32
C SER D 75 16.04 -5.86 18.09
N VAL D 76 16.07 -6.55 16.95
CA VAL D 76 16.54 -6.02 15.66
C VAL D 76 15.40 -6.03 14.62
N PRO D 77 15.16 -4.94 13.85
CA PRO D 77 14.14 -5.01 12.79
C PRO D 77 14.61 -5.96 11.67
N ILE D 78 13.72 -6.85 11.19
CA ILE D 78 14.03 -7.87 10.17
C ILE D 78 14.61 -7.30 8.85
N SER D 79 14.42 -5.99 8.59
CA SER D 79 14.96 -5.32 7.40
C SER D 79 16.50 -5.31 7.42
N SER D 80 17.09 -5.39 8.63
CA SER D 80 18.54 -5.39 8.87
C SER D 80 19.12 -6.82 8.89
N LEU D 81 18.24 -7.83 8.79
CA LEU D 81 18.65 -9.24 8.85
C LEU D 81 18.23 -10.05 7.63
N TRP D 82 18.95 -11.16 7.38
CA TRP D 82 18.58 -12.12 6.34
C TRP D 82 17.46 -12.94 6.95
N VAL D 83 16.43 -13.24 6.15
CA VAL D 83 15.30 -14.07 6.58
C VAL D 83 15.09 -15.21 5.56
N PRO D 84 14.67 -16.42 5.99
CA PRO D 84 14.45 -17.49 5.00
C PRO D 84 13.26 -17.19 4.09
N ASP D 85 13.33 -17.61 2.82
CA ASP D 85 12.27 -17.39 1.83
C ASP D 85 11.13 -18.41 1.94
N LEU D 86 10.59 -18.56 3.17
CA LEU D 86 9.51 -19.48 3.46
C LEU D 86 8.19 -19.01 2.88
N ALA D 87 7.46 -19.95 2.28
CA ALA D 87 6.17 -19.68 1.64
C ALA D 87 5.28 -20.91 1.70
N ALA D 88 3.97 -20.70 1.84
CA ALA D 88 2.98 -21.77 1.85
C ALA D 88 2.62 -22.02 0.38
N TYR D 89 2.84 -23.26 -0.09
CA TYR D 89 2.59 -23.64 -1.49
C TYR D 89 1.11 -23.57 -1.87
N ASN D 90 0.22 -23.86 -0.91
CA ASN D 90 -1.23 -23.83 -1.11
C ASN D 90 -1.86 -22.49 -0.69
N ALA D 91 -1.05 -21.42 -0.56
CA ALA D 91 -1.56 -20.10 -0.19
C ALA D 91 -2.23 -19.41 -1.36
N ILE D 92 -3.37 -18.77 -1.09
CA ILE D 92 -4.19 -18.05 -2.06
C ILE D 92 -4.13 -16.54 -1.80
N SER D 93 -3.66 -16.16 -0.61
CA SER D 93 -3.52 -14.77 -0.14
C SER D 93 -2.06 -14.43 0.13
N LYS D 94 -1.71 -13.13 0.04
CA LYS D 94 -0.38 -12.65 0.39
C LYS D 94 -0.34 -12.62 1.94
N PRO D 95 0.71 -13.18 2.59
CA PRO D 95 0.72 -13.18 4.08
C PRO D 95 0.75 -11.75 4.65
N GLU D 96 -0.21 -11.44 5.54
CA GLU D 96 -0.31 -10.12 6.16
C GLU D 96 0.28 -10.15 7.56
N VAL D 97 1.42 -9.46 7.76
CA VAL D 97 2.09 -9.37 9.07
C VAL D 97 1.37 -8.30 9.92
N LEU D 98 0.77 -8.74 11.03
CA LEU D 98 -0.04 -7.88 11.92
C LEU D 98 0.76 -7.19 13.04
N THR D 99 1.93 -7.74 13.38
CA THR D 99 2.77 -7.27 14.49
C THR D 99 4.03 -6.47 14.11
N PRO D 100 4.69 -5.75 15.06
CA PRO D 100 5.93 -5.03 14.73
C PRO D 100 6.99 -5.99 14.15
N GLN D 101 7.52 -5.64 12.99
CA GLN D 101 8.48 -6.46 12.26
C GLN D 101 9.87 -6.41 12.88
N LEU D 102 9.97 -7.01 14.09
CA LEU D 102 11.16 -7.11 14.92
C LEU D 102 11.46 -8.55 15.27
N ALA D 103 12.74 -8.91 15.25
CA ALA D 103 13.24 -10.23 15.61
C ALA D 103 14.12 -10.09 16.84
N ARG D 104 14.27 -11.19 17.60
CA ARG D 104 15.11 -11.22 18.79
C ARG D 104 16.41 -11.93 18.43
N VAL D 105 17.54 -11.22 18.55
CA VAL D 105 18.85 -11.78 18.22
C VAL D 105 19.66 -12.00 19.51
N VAL D 106 20.12 -13.25 19.71
CA VAL D 106 20.93 -13.68 20.86
C VAL D 106 22.41 -13.50 20.52
N SER D 107 23.27 -13.26 21.54
CA SER D 107 24.71 -13.05 21.43
C SER D 107 25.47 -14.14 20.67
N ASP D 108 24.90 -15.35 20.56
CA ASP D 108 25.50 -16.49 19.86
C ASP D 108 25.19 -16.50 18.35
N GLY D 109 24.36 -15.55 17.91
CA GLY D 109 23.97 -15.39 16.52
C GLY D 109 22.60 -15.96 16.18
N GLU D 110 21.89 -16.50 17.19
CA GLU D 110 20.55 -17.08 17.00
C GLU D 110 19.52 -15.99 16.78
N VAL D 111 18.71 -16.14 15.73
CA VAL D 111 17.65 -15.20 15.38
C VAL D 111 16.31 -15.88 15.63
N LEU D 112 15.43 -15.20 16.39
CA LEU D 112 14.10 -15.67 16.72
C LEU D 112 13.08 -14.63 16.24
N TYR D 113 12.40 -14.93 15.13
CA TYR D 113 11.36 -14.06 14.56
C TYR D 113 10.02 -14.76 14.62
N MET D 114 9.03 -14.11 15.24
CA MET D 114 7.70 -14.70 15.38
C MET D 114 6.58 -13.70 15.04
N PRO D 115 6.30 -13.46 13.75
CA PRO D 115 5.20 -12.53 13.42
C PRO D 115 3.82 -13.18 13.48
N SER D 116 2.78 -12.37 13.70
CA SER D 116 1.40 -12.84 13.67
C SER D 116 0.93 -12.59 12.23
N ILE D 117 0.51 -13.67 11.53
CA ILE D 117 0.14 -13.60 10.13
C ILE D 117 -1.33 -13.93 9.89
N ARG D 118 -2.02 -13.07 9.14
CA ARG D 118 -3.40 -13.28 8.70
C ARG D 118 -3.30 -13.70 7.22
N GLN D 119 -3.72 -14.95 6.92
CA GLN D 119 -3.63 -15.50 5.56
C GLN D 119 -4.79 -16.44 5.22
N ARG D 120 -5.20 -16.44 3.93
CA ARG D 120 -6.25 -17.29 3.37
C ARG D 120 -5.59 -18.50 2.69
N PHE D 121 -6.19 -19.69 2.85
CA PHE D 121 -5.66 -20.94 2.30
C PHE D 121 -6.71 -21.76 1.58
N SER D 122 -6.29 -22.56 0.59
CA SER D 122 -7.17 -23.46 -0.14
C SER D 122 -7.25 -24.75 0.67
N CYS D 123 -8.40 -25.00 1.33
CA CYS D 123 -8.62 -26.18 2.15
C CYS D 123 -10.01 -26.75 1.97
N ASP D 124 -10.14 -28.09 2.12
CA ASP D 124 -11.42 -28.79 1.99
C ASP D 124 -12.34 -28.50 3.18
N VAL D 125 -13.27 -27.56 2.97
CA VAL D 125 -14.25 -27.12 3.99
C VAL D 125 -15.64 -27.64 3.69
N GLY D 127 -18.30 -30.48 5.96
CA GLY D 127 -16.99 -30.73 6.55
C GLY D 127 -16.74 -29.97 7.82
N VAL D 128 -16.94 -28.63 7.78
CA VAL D 128 -16.74 -27.73 8.92
C VAL D 128 -17.81 -27.88 10.00
N ASP D 129 -19.08 -28.08 9.58
CA ASP D 129 -20.21 -28.24 10.49
C ASP D 129 -20.32 -29.66 11.05
N THR D 130 -19.67 -30.64 10.38
CA THR D 130 -19.69 -32.05 10.78
C THR D 130 -18.93 -32.29 12.09
N GLU D 131 -19.28 -33.39 12.77
CA GLU D 131 -18.71 -33.82 14.05
C GLU D 131 -17.23 -34.19 13.90
N SER D 132 -16.86 -34.81 12.76
CA SER D 132 -15.48 -35.20 12.45
C SER D 132 -14.60 -33.98 12.14
N GLY D 133 -15.20 -32.91 11.63
CA GLY D 133 -14.51 -31.68 11.32
C GLY D 133 -13.62 -31.72 10.09
N ALA D 134 -13.56 -30.58 9.36
CA ALA D 134 -12.76 -30.42 8.15
C ALA D 134 -11.27 -30.33 8.48
N THR D 135 -10.42 -30.95 7.64
CA THR D 135 -8.97 -30.93 7.79
C THR D 135 -8.34 -29.98 6.76
N CYS D 136 -7.46 -29.08 7.22
CA CYS D 136 -6.79 -28.08 6.41
C CYS D 136 -5.26 -28.29 6.37
N ARG D 137 -4.76 -28.74 5.21
CA ARG D 137 -3.36 -29.07 4.94
C ARG D 137 -2.60 -27.84 4.40
N ILE D 138 -1.51 -27.43 5.09
CA ILE D 138 -0.66 -26.29 4.70
C ILE D 138 0.78 -26.76 4.49
N LYS D 139 1.35 -26.53 3.29
CA LYS D 139 2.71 -26.96 2.92
C LYS D 139 3.69 -25.77 2.89
N ILE D 140 4.51 -25.62 3.95
CA ILE D 140 5.50 -24.54 4.08
C ILE D 140 6.91 -25.02 3.72
N GLY D 141 7.61 -24.22 2.93
CA GLY D 141 8.96 -24.51 2.49
C GLY D 141 9.65 -23.32 1.85
N SER D 142 10.96 -23.46 1.58
CA SER D 142 11.76 -22.42 0.93
C SER D 142 11.30 -22.30 -0.53
N TRP D 143 11.12 -21.06 -1.00
CA TRP D 143 10.65 -20.81 -2.36
C TRP D 143 11.71 -21.05 -3.44
N THR D 144 13.01 -20.77 -3.14
CA THR D 144 14.09 -20.89 -4.12
C THR D 144 15.28 -21.78 -3.69
N HIS D 145 15.42 -22.11 -2.38
CA HIS D 145 16.54 -22.95 -1.92
C HIS D 145 16.15 -24.41 -1.68
N HIS D 146 17.10 -25.34 -1.92
CA HIS D 146 16.93 -26.77 -1.65
C HIS D 146 17.50 -27.09 -0.26
N SER D 147 17.34 -28.35 0.21
CA SER D 147 17.78 -28.82 1.53
C SER D 147 19.25 -28.55 1.87
N ARG D 148 20.12 -28.48 0.85
CA ARG D 148 21.56 -28.22 1.03
C ARG D 148 21.89 -26.75 1.31
N GLU D 149 20.89 -25.83 1.16
CA GLU D 149 21.04 -24.40 1.43
C GLU D 149 20.22 -23.98 2.66
N ILE D 150 18.97 -24.49 2.75
CA ILE D 150 18.05 -24.25 3.87
C ILE D 150 17.43 -25.60 4.25
N SER D 151 17.60 -26.02 5.51
CA SER D 151 17.01 -27.27 6.03
C SER D 151 15.87 -26.89 6.97
N VAL D 152 14.62 -27.23 6.61
CA VAL D 152 13.43 -26.88 7.40
C VAL D 152 13.07 -27.97 8.40
N ASP D 153 12.64 -27.59 9.62
CA ASP D 153 12.29 -28.53 10.69
C ASP D 153 11.09 -28.08 11.55
N PRO D 154 10.20 -29.02 11.99
CA PRO D 154 9.06 -28.62 12.84
C PRO D 154 9.39 -28.71 14.33
N GLU D 157 6.59 -30.44 17.24
CA GLU D 157 5.55 -31.20 17.94
C GLU D 157 4.44 -31.68 16.99
N ASN D 158 3.59 -32.62 17.45
CA ASN D 158 2.50 -33.21 16.67
C ASN D 158 1.12 -33.13 17.36
N SER D 159 1.05 -32.46 18.54
CA SER D 159 -0.19 -32.30 19.30
C SER D 159 -0.45 -30.81 19.63
N ASP D 160 -0.89 -30.49 20.88
CA ASP D 160 -1.21 -29.15 21.42
C ASP D 160 -2.37 -28.44 20.69
N ASP D 161 -3.20 -27.72 21.46
CA ASP D 161 -4.34 -26.96 20.94
C ASP D 161 -3.95 -25.48 20.63
N SER D 162 -3.49 -24.64 21.59
CA SER D 162 -3.28 -24.88 23.03
C SER D 162 -3.85 -23.69 23.81
N GLU D 163 -2.99 -22.85 24.40
CA GLU D 163 -3.38 -21.64 25.13
C GLU D 163 -3.50 -20.48 24.13
N TYR D 164 -2.94 -20.67 22.93
CA TYR D 164 -2.90 -19.72 21.81
C TYR D 164 -4.29 -19.39 21.26
N PHE D 165 -5.02 -20.43 20.81
CA PHE D 165 -6.33 -20.32 20.17
C PHE D 165 -7.39 -19.65 21.06
N SER D 166 -8.04 -18.64 20.48
CA SER D 166 -9.06 -17.81 21.11
C SER D 166 -10.31 -18.60 21.51
N GLN D 167 -10.80 -18.36 22.74
CA GLN D 167 -12.00 -18.98 23.28
C GLN D 167 -13.25 -18.36 22.66
N TYR D 168 -13.11 -17.13 22.13
CA TYR D 168 -14.19 -16.36 21.52
C TYR D 168 -14.37 -16.64 20.01
N SER D 169 -13.59 -17.59 19.47
CA SER D 169 -13.69 -17.98 18.06
C SER D 169 -14.95 -18.81 17.81
N ARG D 170 -15.48 -18.71 16.59
CA ARG D 170 -16.66 -19.44 16.11
C ARG D 170 -16.30 -20.92 15.86
N PHE D 171 -15.00 -21.20 15.67
CA PHE D 171 -14.48 -22.54 15.41
C PHE D 171 -13.75 -23.14 16.62
N GLU D 172 -13.48 -24.45 16.57
CA GLU D 172 -12.82 -25.20 17.64
C GLU D 172 -11.74 -26.11 17.04
N ILE D 173 -10.51 -26.03 17.58
CA ILE D 173 -9.40 -26.86 17.11
C ILE D 173 -9.52 -28.27 17.68
N LEU D 174 -9.42 -29.28 16.80
CA LEU D 174 -9.49 -30.68 17.18
C LEU D 174 -8.09 -31.25 17.39
N ASP D 175 -7.16 -30.98 16.44
CA ASP D 175 -5.75 -31.40 16.49
C ASP D 175 -4.92 -30.67 15.43
N VAL D 176 -3.68 -30.29 15.80
CA VAL D 176 -2.71 -29.63 14.92
C VAL D 176 -1.47 -30.53 14.90
N THR D 177 -1.08 -31.03 13.71
CA THR D 177 0.10 -31.90 13.58
C THR D 177 1.04 -31.39 12.46
N GLN D 178 2.28 -31.04 12.85
CA GLN D 178 3.31 -30.50 11.97
C GLN D 178 4.40 -31.54 11.72
N LYS D 179 4.52 -31.97 10.46
CA LYS D 179 5.47 -33.02 10.05
C LYS D 179 6.44 -32.57 8.96
N LYS D 180 7.69 -33.07 9.03
CA LYS D 180 8.73 -32.78 8.04
C LYS D 180 8.67 -33.82 6.93
N ASN D 181 8.65 -33.35 5.67
CA ASN D 181 8.63 -34.22 4.49
C ASN D 181 9.87 -33.95 3.66
N SER D 182 10.73 -34.96 3.50
CA SER D 182 11.97 -34.87 2.73
C SER D 182 11.90 -35.81 1.52
N VAL D 183 11.79 -35.23 0.31
CA VAL D 183 11.66 -35.97 -0.93
C VAL D 183 12.86 -35.70 -1.86
N THR D 184 13.52 -36.78 -2.30
CA THR D 184 14.66 -36.72 -3.23
C THR D 184 14.18 -37.27 -4.59
N TYR D 185 14.10 -36.39 -5.61
CA TYR D 185 13.64 -36.77 -6.95
C TYR D 185 14.75 -37.47 -7.74
N SER D 186 14.36 -38.33 -8.71
CA SER D 186 15.29 -39.13 -9.52
C SER D 186 16.26 -38.31 -10.37
N CYS D 187 15.84 -37.10 -10.79
CA CYS D 187 16.60 -36.19 -11.63
C CYS D 187 17.89 -35.67 -11.06
N CYS D 188 17.79 -35.31 -9.82
CA CYS D 188 18.51 -34.41 -8.99
C CYS D 188 19.07 -35.03 -7.71
N PRO D 189 20.34 -34.73 -7.36
CA PRO D 189 20.92 -35.33 -6.15
C PRO D 189 20.43 -34.75 -4.83
N GLU D 190 20.15 -33.43 -4.80
CA GLU D 190 19.70 -32.72 -3.59
C GLU D 190 18.26 -33.05 -3.19
N ALA D 191 18.02 -33.18 -1.89
CA ALA D 191 16.71 -33.46 -1.33
C ALA D 191 15.87 -32.18 -1.25
N TYR D 192 14.54 -32.33 -1.18
CA TYR D 192 13.61 -31.21 -1.09
C TYR D 192 12.71 -31.38 0.11
N GLU D 193 12.79 -30.40 1.02
CA GLU D 193 12.07 -30.43 2.29
C GLU D 193 10.92 -29.43 2.38
N ASP D 194 9.94 -29.78 3.24
CA ASP D 194 8.74 -28.99 3.53
C ASP D 194 8.16 -29.42 4.88
N VAL D 195 7.41 -28.51 5.53
CA VAL D 195 6.73 -28.78 6.79
C VAL D 195 5.23 -28.75 6.51
N GLU D 196 4.58 -29.92 6.64
CA GLU D 196 3.16 -30.07 6.40
C GLU D 196 2.37 -29.87 7.70
N VAL D 197 1.62 -28.77 7.78
CA VAL D 197 0.81 -28.39 8.93
C VAL D 197 -0.65 -28.82 8.68
N SER D 198 -1.13 -29.81 9.45
CA SER D 198 -2.49 -30.32 9.33
C SER D 198 -3.34 -29.71 10.44
N LEU D 199 -4.33 -28.92 10.05
CA LEU D 199 -5.24 -28.25 10.98
C LEU D 199 -6.67 -28.78 10.81
N ASN D 200 -7.07 -29.73 11.66
CA ASN D 200 -8.44 -30.23 11.60
C ASN D 200 -9.26 -29.50 12.66
N PHE D 201 -10.35 -28.87 12.23
CA PHE D 201 -11.20 -28.04 13.09
C PHE D 201 -12.69 -28.20 12.74
N ARG D 202 -13.57 -27.73 13.63
CA ARG D 202 -15.02 -27.78 13.41
C ARG D 202 -15.74 -26.57 14.00
N LYS D 203 -16.97 -26.29 13.52
CA LYS D 203 -17.80 -25.19 14.01
C LYS D 203 -18.42 -25.57 15.36
N LYS D 204 -18.44 -24.62 16.31
CA LYS D 204 -19.00 -24.80 17.67
C LYS D 204 -20.53 -24.94 17.64
N LEU E 1 16.96 31.74 -10.51
CA LEU E 1 16.34 32.43 -11.65
C LEU E 1 15.27 31.58 -12.32
N ASP E 2 15.63 30.40 -12.87
CA ASP E 2 14.67 29.52 -13.55
C ASP E 2 13.99 28.54 -12.58
N ARG E 3 12.93 27.83 -13.06
CA ARG E 3 12.16 26.85 -12.30
C ARG E 3 13.04 25.78 -11.66
N ALA E 4 14.02 25.25 -12.42
CA ALA E 4 14.95 24.23 -11.95
C ALA E 4 15.76 24.71 -10.76
N ASP E 5 16.21 25.97 -10.77
CA ASP E 5 16.98 26.56 -9.68
C ASP E 5 16.12 26.67 -8.44
N ILE E 6 14.91 27.23 -8.59
CA ILE E 6 13.96 27.42 -7.49
C ILE E 6 13.64 26.08 -6.81
N LEU E 7 13.34 25.04 -7.61
CA LEU E 7 13.02 23.70 -7.13
C LEU E 7 14.21 23.01 -6.45
N TYR E 8 15.44 23.25 -6.94
CA TYR E 8 16.66 22.71 -6.37
C TYR E 8 16.90 23.34 -4.99
N ASN E 9 16.74 24.67 -4.89
CA ASN E 9 16.89 25.43 -3.65
C ASN E 9 15.93 24.94 -2.58
N ILE E 10 14.64 24.74 -2.95
CA ILE E 10 13.58 24.25 -2.08
C ILE E 10 13.93 22.84 -1.58
N ARG E 11 14.36 21.96 -2.51
CA ARG E 11 14.76 20.58 -2.22
C ARG E 11 15.97 20.51 -1.28
N GLN E 12 17.03 21.30 -1.56
CA GLN E 12 18.25 21.31 -0.76
C GLN E 12 18.10 21.94 0.63
N THR E 13 17.26 22.99 0.75
CA THR E 13 17.02 23.67 2.02
C THR E 13 15.70 23.19 2.66
N SER E 14 15.25 21.99 2.26
CA SER E 14 14.02 21.34 2.70
C SER E 14 14.06 20.95 4.16
N ARG E 15 13.13 21.53 4.96
CA ARG E 15 12.96 21.22 6.38
C ARG E 15 11.47 20.90 6.60
N PRO E 16 10.97 19.73 6.12
CA PRO E 16 9.54 19.42 6.27
C PRO E 16 9.10 19.12 7.71
N ASP E 17 10.08 18.81 8.56
CA ASP E 17 9.91 18.50 9.97
C ASP E 17 9.86 19.79 10.81
N VAL E 18 10.29 20.93 10.23
CA VAL E 18 10.36 22.23 10.90
C VAL E 18 9.17 23.14 10.54
N ILE E 19 8.41 23.52 11.58
CA ILE E 19 7.25 24.42 11.49
C ILE E 19 7.76 25.85 11.18
N PRO E 20 7.25 26.52 10.12
CA PRO E 20 7.79 27.85 9.77
C PRO E 20 7.25 29.01 10.61
N THR E 21 7.42 28.92 11.95
CA THR E 21 6.99 29.96 12.88
C THR E 21 7.98 31.11 12.80
N GLN E 22 7.54 32.24 12.24
CA GLN E 22 8.39 33.42 12.11
C GLN E 22 8.15 34.35 13.29
N ARG E 23 9.25 34.77 13.96
CA ARG E 23 9.29 35.69 15.11
C ARG E 23 8.33 35.28 16.27
N ASP E 24 8.22 33.94 16.53
CA ASP E 24 7.39 33.29 17.55
C ASP E 24 5.86 33.50 17.36
N ARG E 25 5.45 33.88 16.14
CA ARG E 25 4.03 34.06 15.78
C ARG E 25 3.54 32.73 15.17
N PRO E 26 2.30 32.26 15.43
CA PRO E 26 1.87 30.99 14.85
C PRO E 26 1.75 30.99 13.32
N VAL E 27 1.73 29.79 12.73
CA VAL E 27 1.55 29.65 11.30
C VAL E 27 0.06 29.78 11.03
N ALA E 28 -0.31 30.81 10.24
CA ALA E 28 -1.69 31.08 9.86
C ALA E 28 -2.11 30.10 8.75
N VAL E 29 -2.76 29.00 9.16
CA VAL E 29 -3.26 27.97 8.26
C VAL E 29 -4.73 28.26 7.96
N SER E 30 -5.09 28.32 6.66
CA SER E 30 -6.45 28.57 6.19
C SER E 30 -6.97 27.31 5.51
N VAL E 31 -8.02 26.70 6.08
CA VAL E 31 -8.61 25.47 5.57
C VAL E 31 -10.06 25.69 5.08
N SER E 32 -10.40 25.08 3.93
CA SER E 32 -11.74 25.16 3.33
C SER E 32 -12.04 23.88 2.57
N LEU E 33 -13.10 23.18 2.99
CA LEU E 33 -13.55 21.92 2.41
C LEU E 33 -14.61 22.16 1.34
N LYS E 34 -14.36 21.67 0.12
CA LYS E 34 -15.31 21.80 -0.98
C LYS E 34 -15.75 20.40 -1.40
N PHE E 35 -17.00 20.05 -1.05
CA PHE E 35 -17.55 18.72 -1.29
C PHE E 35 -17.84 18.44 -2.75
N ILE E 36 -17.27 17.33 -3.24
CA ILE E 36 -17.40 16.88 -4.61
C ILE E 36 -18.46 15.80 -4.73
N ASN E 37 -18.46 14.82 -3.79
CA ASN E 37 -19.42 13.71 -3.81
C ASN E 37 -19.69 13.04 -2.46
N ILE E 38 -20.92 12.51 -2.29
CA ILE E 38 -21.33 11.72 -1.14
C ILE E 38 -21.70 10.37 -1.76
N LEU E 39 -20.87 9.36 -1.54
CA LEU E 39 -20.97 8.04 -2.16
C LEU E 39 -21.86 7.03 -1.47
N GLU E 40 -21.67 6.86 -0.15
CA GLU E 40 -22.44 5.87 0.60
C GLU E 40 -22.85 6.41 1.96
N VAL E 41 -24.04 5.98 2.41
CA VAL E 41 -24.63 6.33 3.70
C VAL E 41 -25.07 5.03 4.35
N ASN E 42 -24.49 4.74 5.51
CA ASN E 42 -24.79 3.56 6.31
C ASN E 42 -25.69 4.00 7.48
N GLU E 43 -27.01 3.95 7.26
CA GLU E 43 -28.03 4.34 8.24
C GLU E 43 -28.00 3.44 9.49
N ILE E 44 -27.43 2.23 9.32
CA ILE E 44 -27.26 1.20 10.34
C ILE E 44 -26.21 1.66 11.38
N THR E 45 -24.94 1.81 10.97
CA THR E 45 -23.83 2.16 11.86
C THR E 45 -23.46 3.68 11.82
N ASN E 46 -24.36 4.53 11.27
CA ASN E 46 -24.21 6.00 11.21
C ASN E 46 -22.86 6.46 10.59
N GLU E 47 -22.59 5.96 9.37
CA GLU E 47 -21.38 6.25 8.60
C GLU E 47 -21.69 6.99 7.31
N VAL E 48 -20.70 7.76 6.80
CA VAL E 48 -20.86 8.51 5.54
C VAL E 48 -19.53 8.51 4.75
N ASP E 49 -19.58 8.04 3.49
CA ASP E 49 -18.43 8.01 2.59
C ASP E 49 -18.52 9.25 1.70
N VAL E 50 -17.48 10.11 1.76
CA VAL E 50 -17.47 11.42 1.09
C VAL E 50 -16.14 11.75 0.38
N VAL E 51 -16.22 12.46 -0.77
CA VAL E 51 -15.09 12.97 -1.55
C VAL E 51 -15.14 14.51 -1.48
N PHE E 52 -14.01 15.15 -1.08
CA PHE E 52 -13.91 16.61 -0.90
C PHE E 52 -12.51 17.16 -1.21
N TRP E 53 -12.46 18.41 -1.69
CA TRP E 53 -11.23 19.12 -1.97
C TRP E 53 -10.87 19.90 -0.69
N GLN E 54 -9.67 19.67 -0.14
CA GLN E 54 -9.24 20.36 1.07
C GLN E 54 -8.27 21.48 0.72
N GLN E 55 -8.79 22.70 0.50
CA GLN E 55 -7.95 23.85 0.18
C GLN E 55 -7.24 24.32 1.43
N THR E 56 -5.92 24.05 1.49
CA THR E 56 -5.09 24.41 2.63
C THR E 56 -4.05 25.42 2.17
N THR E 57 -4.01 26.58 2.84
CA THR E 57 -3.04 27.64 2.54
C THR E 57 -2.33 28.09 3.81
N TRP E 58 -1.03 28.39 3.69
CA TRP E 58 -0.18 28.89 4.76
C TRP E 58 1.05 29.56 4.15
N SER E 59 1.81 30.29 4.98
CA SER E 59 3.02 30.97 4.53
C SER E 59 4.25 30.33 5.14
N ASP E 60 5.28 30.14 4.31
CA ASP E 60 6.58 29.60 4.69
C ASP E 60 7.63 30.50 4.05
N ARG E 61 7.97 31.59 4.75
CA ARG E 61 8.90 32.63 4.34
C ARG E 61 10.28 32.13 3.89
N THR E 62 10.71 30.94 4.38
CA THR E 62 12.00 30.33 4.03
C THR E 62 12.02 29.83 2.57
N LEU E 63 10.82 29.65 1.96
CA LEU E 63 10.66 29.19 0.58
C LEU E 63 10.66 30.35 -0.41
N ALA E 64 10.50 31.59 0.09
CA ALA E 64 10.45 32.82 -0.72
C ALA E 64 11.66 33.05 -1.60
N TRP E 65 11.44 33.69 -2.76
CA TRP E 65 12.47 34.03 -3.73
C TRP E 65 12.15 35.35 -4.46
N ASN E 66 13.17 35.97 -5.08
CA ASN E 66 13.00 37.21 -5.82
C ASN E 66 12.29 36.92 -7.15
N SER E 67 11.07 37.45 -7.32
CA SER E 67 10.23 37.27 -8.49
C SER E 67 10.71 38.03 -9.74
N SER E 68 11.63 39.00 -9.58
CA SER E 68 12.19 39.79 -10.68
C SER E 68 13.01 38.88 -11.60
N HIS E 69 12.60 38.79 -12.88
CA HIS E 69 13.20 37.94 -13.93
C HIS E 69 13.28 36.47 -13.50
N SER E 70 12.21 35.99 -12.84
CA SER E 70 12.03 34.64 -12.30
C SER E 70 10.54 34.28 -12.27
N PRO E 71 10.14 32.99 -12.35
CA PRO E 71 8.71 32.66 -12.27
C PRO E 71 8.09 33.08 -10.95
N ASP E 72 6.82 33.52 -10.99
CA ASP E 72 6.07 33.97 -9.82
C ASP E 72 5.67 32.80 -8.93
N GLN E 73 5.40 31.63 -9.53
CA GLN E 73 4.95 30.42 -8.84
C GLN E 73 5.58 29.17 -9.42
N VAL E 74 5.71 28.12 -8.59
CA VAL E 74 6.23 26.79 -8.96
C VAL E 74 5.40 25.69 -8.29
N SER E 75 5.36 24.49 -8.92
CA SER E 75 4.66 23.33 -8.37
C SER E 75 5.68 22.44 -7.70
N VAL E 76 5.52 22.24 -6.38
CA VAL E 76 6.46 21.50 -5.53
C VAL E 76 5.77 20.26 -4.91
N PRO E 77 6.39 19.06 -4.92
CA PRO E 77 5.75 17.91 -4.22
C PRO E 77 5.80 18.15 -2.70
N ILE E 78 4.67 17.88 -1.99
CA ILE E 78 4.51 18.11 -0.55
C ILE E 78 5.56 17.40 0.32
N SER E 79 6.23 16.36 -0.21
CA SER E 79 7.29 15.64 0.51
C SER E 79 8.50 16.56 0.80
N SER E 80 8.68 17.60 -0.01
CA SER E 80 9.76 18.59 0.09
C SER E 80 9.36 19.79 0.96
N LEU E 81 8.08 19.83 1.42
CA LEU E 81 7.57 20.93 2.22
C LEU E 81 7.02 20.51 3.57
N TRP E 82 6.97 21.46 4.52
CA TRP E 82 6.33 21.25 5.81
C TRP E 82 4.85 21.41 5.54
N VAL E 83 4.03 20.55 6.14
CA VAL E 83 2.57 20.60 6.01
C VAL E 83 1.94 20.60 7.42
N PRO E 84 0.81 21.32 7.65
CA PRO E 84 0.19 21.27 8.99
C PRO E 84 -0.35 19.90 9.32
N ASP E 85 -0.31 19.51 10.61
CA ASP E 85 -0.78 18.22 11.08
C ASP E 85 -2.29 18.18 11.31
N LEU E 86 -3.06 18.63 10.30
CA LEU E 86 -4.51 18.68 10.34
C LEU E 86 -5.13 17.30 10.28
N ALA E 87 -6.13 17.07 11.14
CA ALA E 87 -6.84 15.80 11.23
C ALA E 87 -8.28 16.02 11.66
N ALA E 88 -9.19 15.17 11.17
CA ALA E 88 -10.60 15.21 11.55
C ALA E 88 -10.75 14.36 12.79
N TYR E 89 -11.19 14.96 13.89
CA TYR E 89 -11.34 14.27 15.18
C TYR E 89 -12.37 13.14 15.15
N ASN E 90 -13.43 13.31 14.37
CA ASN E 90 -14.50 12.32 14.21
C ASN E 90 -14.30 11.38 13.01
N ALA E 91 -13.06 11.30 12.47
CA ALA E 91 -12.75 10.43 11.33
C ALA E 91 -12.63 8.98 11.77
N ILE E 92 -13.20 8.09 10.96
CA ILE E 92 -13.23 6.64 11.19
C ILE E 92 -12.33 5.90 10.21
N SER E 93 -11.95 6.58 9.12
CA SER E 93 -11.05 6.01 8.11
C SER E 93 -9.85 6.93 7.86
N LYS E 94 -8.77 6.36 7.33
CA LYS E 94 -7.54 7.05 6.97
C LYS E 94 -7.83 7.92 5.73
N PRO E 95 -7.48 9.23 5.73
CA PRO E 95 -7.77 10.06 4.54
C PRO E 95 -7.03 9.57 3.29
N GLU E 96 -7.76 9.28 2.21
CA GLU E 96 -7.20 8.77 0.95
C GLU E 96 -7.03 9.91 -0.06
N VAL E 97 -5.77 10.29 -0.36
CA VAL E 97 -5.47 11.35 -1.32
C VAL E 97 -5.57 10.76 -2.75
N LEU E 98 -6.54 11.27 -3.54
CA LEU E 98 -6.84 10.78 -4.89
C LEU E 98 -6.04 11.46 -6.02
N THR E 99 -5.50 12.66 -5.76
CA THR E 99 -4.80 13.49 -6.75
C THR E 99 -3.27 13.55 -6.61
N PRO E 100 -2.53 14.08 -7.65
CA PRO E 100 -1.06 14.20 -7.53
C PRO E 100 -0.69 15.04 -6.32
N GLN E 101 0.19 14.49 -5.45
CA GLN E 101 0.60 15.15 -4.20
C GLN E 101 1.59 16.30 -4.45
N LEU E 102 1.05 17.37 -5.07
CA LEU E 102 1.75 18.58 -5.44
C LEU E 102 1.08 19.80 -4.87
N ALA E 103 1.88 20.75 -4.39
CA ALA E 103 1.40 22.03 -3.87
C ALA E 103 1.92 23.14 -4.77
N ARG E 104 1.25 24.30 -4.77
CA ARG E 104 1.65 25.46 -5.55
C ARG E 104 2.32 26.44 -4.59
N VAL E 105 3.60 26.76 -4.85
CA VAL E 105 4.36 27.69 -4.01
C VAL E 105 4.60 29.00 -4.77
N VAL E 106 4.17 30.12 -4.17
CA VAL E 106 4.31 31.49 -4.71
C VAL E 106 5.65 32.08 -4.22
N SER E 107 6.25 32.99 -5.01
CA SER E 107 7.53 33.66 -4.73
C SER E 107 7.62 34.36 -3.36
N ASP E 108 6.47 34.67 -2.74
CA ASP E 108 6.41 35.32 -1.43
C ASP E 108 6.47 34.31 -0.25
N GLY E 109 6.48 33.02 -0.59
CA GLY E 109 6.54 31.94 0.39
C GLY E 109 5.20 31.28 0.68
N GLU E 110 4.12 31.73 0.01
CA GLU E 110 2.78 31.17 0.20
C GLU E 110 2.67 29.79 -0.42
N VAL E 111 2.16 28.83 0.36
CA VAL E 111 1.96 27.45 -0.08
C VAL E 111 0.46 27.19 -0.20
N LEU E 112 0.03 26.70 -1.36
CA LEU E 112 -1.35 26.36 -1.64
C LEU E 112 -1.44 24.89 -2.02
N TYR E 113 -1.91 24.04 -1.08
CA TYR E 113 -2.09 22.62 -1.30
C TYR E 113 -3.58 22.28 -1.25
N MET E 114 -4.09 21.65 -2.30
CA MET E 114 -5.49 21.28 -2.38
C MET E 114 -5.71 19.84 -2.88
N PRO E 115 -5.53 18.82 -2.01
CA PRO E 115 -5.75 17.45 -2.47
C PRO E 115 -7.23 17.06 -2.44
N SER E 116 -7.62 16.08 -3.28
CA SER E 116 -8.98 15.54 -3.27
C SER E 116 -8.90 14.33 -2.34
N ILE E 117 -9.72 14.34 -1.27
CA ILE E 117 -9.68 13.29 -0.25
C ILE E 117 -10.99 12.49 -0.18
N ARG E 118 -10.87 11.16 -0.18
CA ARG E 118 -11.99 10.24 0.02
C ARG E 118 -11.86 9.74 1.46
N GLN E 119 -12.85 10.05 2.30
CA GLN E 119 -12.84 9.68 3.72
C GLN E 119 -14.22 9.35 4.28
N ARG E 120 -14.27 8.40 5.23
CA ARG E 120 -15.47 7.97 5.96
C ARG E 120 -15.53 8.70 7.31
N PHE E 121 -16.74 9.13 7.72
CA PHE E 121 -16.95 9.86 8.96
C PHE E 121 -18.12 9.33 9.78
N SER E 122 -18.06 9.51 11.10
CA SER E 122 -19.14 9.13 12.01
C SER E 122 -20.10 10.32 12.04
N CYS E 123 -21.28 10.18 11.43
CA CYS E 123 -22.27 11.25 11.36
C CYS E 123 -23.69 10.75 11.60
N ASP E 124 -24.55 11.61 12.18
CA ASP E 124 -25.96 11.28 12.40
C ASP E 124 -26.68 11.32 11.05
N VAL E 125 -26.72 10.16 10.37
CA VAL E 125 -27.37 10.04 9.06
C VAL E 125 -28.85 9.65 9.20
N SER E 126 -29.45 9.96 10.37
CA SER E 126 -30.86 9.70 10.68
C SER E 126 -31.73 10.67 9.88
N GLY E 127 -32.68 10.12 9.13
CA GLY E 127 -33.59 10.89 8.28
C GLY E 127 -32.87 11.53 7.11
N VAL E 128 -32.17 10.71 6.32
CA VAL E 128 -31.47 11.17 5.12
C VAL E 128 -32.49 11.32 3.96
N ASP E 129 -33.55 10.50 4.00
CA ASP E 129 -34.63 10.50 3.01
C ASP E 129 -35.64 11.63 3.26
N THR E 130 -35.63 12.23 4.47
CA THR E 130 -36.52 13.34 4.85
C THR E 130 -36.14 14.65 4.14
N GLU E 131 -37.07 15.62 4.10
CA GLU E 131 -36.88 16.94 3.46
C GLU E 131 -35.79 17.76 4.16
N SER E 132 -35.71 17.66 5.51
CA SER E 132 -34.71 18.38 6.30
C SER E 132 -33.32 17.75 6.14
N GLY E 133 -33.29 16.47 5.79
CA GLY E 133 -32.07 15.71 5.56
C GLY E 133 -31.27 15.45 6.82
N ALA E 134 -29.99 15.08 6.63
CA ALA E 134 -29.08 14.82 7.73
C ALA E 134 -27.97 15.84 7.76
N THR E 135 -27.54 16.21 8.97
CA THR E 135 -26.43 17.14 9.20
C THR E 135 -25.24 16.34 9.72
N CYS E 136 -24.15 16.38 8.97
CA CYS E 136 -22.90 15.70 9.26
C CYS E 136 -21.83 16.71 9.66
N ARG E 137 -21.47 16.70 10.95
CA ARG E 137 -20.48 17.64 11.50
C ARG E 137 -19.10 17.02 11.59
N ILE E 138 -18.11 17.69 10.97
CA ILE E 138 -16.71 17.27 10.94
C ILE E 138 -15.85 18.37 11.58
N LYS E 139 -15.10 18.04 12.64
CA LYS E 139 -14.21 18.97 13.34
C LYS E 139 -12.77 18.73 12.93
N ILE E 140 -12.16 19.73 12.25
CA ILE E 140 -10.76 19.67 11.78
C ILE E 140 -9.88 20.50 12.70
N GLY E 141 -8.67 20.03 12.95
CA GLY E 141 -7.70 20.73 13.79
C GLY E 141 -6.33 20.09 13.79
N SER E 142 -5.34 20.82 14.36
CA SER E 142 -3.97 20.34 14.49
C SER E 142 -3.94 19.21 15.50
N TRP E 143 -3.26 18.11 15.16
CA TRP E 143 -3.18 16.94 16.02
C TRP E 143 -2.27 17.12 17.23
N THR E 144 -1.17 17.89 17.10
CA THR E 144 -0.17 18.07 18.17
C THR E 144 0.13 19.54 18.56
N HIS E 145 -0.23 20.53 17.73
CA HIS E 145 0.07 21.93 18.06
C HIS E 145 -1.14 22.71 18.58
N HIS E 146 -0.90 23.70 19.46
CA HIS E 146 -1.93 24.60 19.98
C HIS E 146 -1.98 25.87 19.13
N SER E 147 -2.96 26.77 19.39
CA SER E 147 -3.18 28.03 18.65
C SER E 147 -1.95 28.94 18.52
N ARG E 148 -1.01 28.88 19.49
CA ARG E 148 0.22 29.69 19.49
C ARG E 148 1.29 29.16 18.53
N GLU E 149 1.09 27.95 17.95
CA GLU E 149 1.98 27.31 16.97
C GLU E 149 1.33 27.24 15.59
N ILE E 150 0.03 26.87 15.52
CA ILE E 150 -0.79 26.84 14.29
C ILE E 150 -2.17 27.46 14.60
N SER E 151 -2.52 28.53 13.85
CA SER E 151 -3.83 29.17 13.97
C SER E 151 -4.66 28.74 12.77
N VAL E 152 -5.74 27.99 13.01
CA VAL E 152 -6.62 27.49 11.94
C VAL E 152 -7.74 28.49 11.66
N ASP E 153 -8.09 28.67 10.37
CA ASP E 153 -9.14 29.61 9.95
C ASP E 153 -9.98 29.09 8.78
N PRO E 154 -11.32 29.27 8.80
CA PRO E 154 -12.14 28.78 7.67
C PRO E 154 -12.24 29.80 6.53
N THR E 155 -11.78 29.43 5.33
CA THR E 155 -11.82 30.31 4.15
C THR E 155 -12.75 29.77 3.06
N GLU E 157 -15.53 31.28 3.92
CA GLU E 157 -16.48 32.32 4.30
C GLU E 157 -17.22 31.99 5.63
N ASN E 158 -18.03 30.89 5.76
CA ASN E 158 -18.36 29.90 4.73
C ASN E 158 -19.84 29.53 4.71
N SER E 159 -20.45 29.75 3.53
CA SER E 159 -21.84 29.50 3.14
C SER E 159 -21.89 29.65 1.60
N ASP E 160 -22.62 28.78 0.86
CA ASP E 160 -23.43 27.66 1.33
C ASP E 160 -23.20 26.39 0.51
N ASP E 161 -22.57 26.54 -0.68
CA ASP E 161 -22.24 25.47 -1.66
C ASP E 161 -23.51 24.94 -2.41
N SER E 162 -23.39 24.46 -3.68
CA SER E 162 -22.15 24.26 -4.46
C SER E 162 -22.29 24.44 -5.97
N GLU E 163 -21.12 24.55 -6.62
CA GLU E 163 -20.88 24.60 -8.06
C GLU E 163 -19.84 23.50 -8.33
N TYR E 164 -19.41 22.82 -7.24
CA TYR E 164 -18.41 21.76 -7.17
C TYR E 164 -19.01 20.35 -7.12
N PHE E 165 -20.11 20.19 -6.34
CA PHE E 165 -20.76 18.90 -6.13
C PHE E 165 -21.30 18.26 -7.40
N SER E 166 -21.14 16.93 -7.50
CA SER E 166 -21.57 16.13 -8.64
C SER E 166 -23.08 16.15 -8.85
N GLN E 167 -23.51 16.46 -10.08
CA GLN E 167 -24.93 16.46 -10.46
C GLN E 167 -25.43 15.02 -10.59
N TYR E 168 -24.49 14.07 -10.81
CA TYR E 168 -24.76 12.65 -10.99
C TYR E 168 -24.78 11.86 -9.67
N SER E 169 -24.60 12.56 -8.54
CA SER E 169 -24.62 11.95 -7.21
C SER E 169 -26.03 11.58 -6.79
N ARG E 170 -26.14 10.55 -5.94
CA ARG E 170 -27.41 10.06 -5.40
C ARG E 170 -27.96 11.03 -4.33
N PHE E 171 -27.08 11.84 -3.72
CA PHE E 171 -27.42 12.81 -2.68
C PHE E 171 -27.40 14.23 -3.22
N GLU E 172 -27.93 15.17 -2.42
CA GLU E 172 -28.03 16.59 -2.76
C GLU E 172 -27.61 17.44 -1.54
N ILE E 173 -26.72 18.41 -1.76
CA ILE E 173 -26.25 19.32 -0.71
C ILE E 173 -27.29 20.41 -0.46
N LEU E 174 -27.66 20.60 0.81
CA LEU E 174 -28.62 21.61 1.24
C LEU E 174 -27.89 22.87 1.69
N ASP E 175 -26.85 22.70 2.54
CA ASP E 175 -26.01 23.79 3.07
C ASP E 175 -24.72 23.26 3.67
N VAL E 176 -23.63 24.00 3.45
CA VAL E 176 -22.29 23.70 3.98
C VAL E 176 -21.86 24.94 4.76
N THR E 177 -21.59 24.76 6.05
CA THR E 177 -21.13 25.87 6.89
C THR E 177 -19.82 25.48 7.55
N GLN E 178 -18.83 26.38 7.52
CA GLN E 178 -17.52 26.17 8.13
C GLN E 178 -17.24 27.29 9.12
N LYS E 179 -17.18 26.94 10.42
CA LYS E 179 -16.96 27.90 11.51
C LYS E 179 -15.74 27.61 12.36
N LYS E 180 -15.06 28.66 12.84
CA LYS E 180 -13.89 28.56 13.70
C LYS E 180 -14.32 28.53 15.16
N ASN E 181 -13.82 27.55 15.92
CA ASN E 181 -14.10 27.39 17.34
C ASN E 181 -12.81 27.49 18.12
N SER E 182 -12.71 28.50 19.01
CA SER E 182 -11.52 28.74 19.83
C SER E 182 -11.88 28.58 21.30
N VAL E 183 -11.39 27.50 21.93
CA VAL E 183 -11.67 27.18 23.33
C VAL E 183 -10.39 27.21 24.17
N THR E 184 -10.42 27.98 25.27
CA THR E 184 -9.30 28.09 26.22
C THR E 184 -9.74 27.39 27.52
N TYR E 185 -9.06 26.27 27.85
CA TYR E 185 -9.37 25.47 29.04
C TYR E 185 -8.81 26.10 30.32
N SER E 186 -9.41 25.78 31.48
CA SER E 186 -9.02 26.33 32.78
C SER E 186 -7.60 25.99 33.22
N CYS E 187 -7.09 24.81 32.80
CA CYS E 187 -5.77 24.28 33.12
C CYS E 187 -4.62 25.13 32.64
N CYS E 188 -4.74 25.50 31.37
CA CYS E 188 -3.77 25.93 30.41
C CYS E 188 -4.02 27.33 29.81
N PRO E 189 -2.97 28.18 29.71
CA PRO E 189 -3.17 29.56 29.17
C PRO E 189 -3.44 29.62 27.66
N GLU E 190 -2.85 28.71 26.88
CA GLU E 190 -3.01 28.68 25.42
C GLU E 190 -4.41 28.24 24.98
N ALA E 191 -4.88 28.82 23.87
CA ALA E 191 -6.19 28.51 23.30
C ALA E 191 -6.08 27.30 22.37
N TYR E 192 -7.22 26.64 22.12
CA TYR E 192 -7.28 25.48 21.23
C TYR E 192 -8.33 25.70 20.16
N GLU E 193 -7.88 25.67 18.90
CA GLU E 193 -8.72 25.96 17.75
C GLU E 193 -9.06 24.76 16.89
N ASP E 194 -10.20 24.85 16.19
CA ASP E 194 -10.74 23.85 15.26
C ASP E 194 -11.72 24.49 14.29
N VAL E 195 -11.90 23.87 13.12
CA VAL E 195 -12.83 24.33 12.10
C VAL E 195 -13.94 23.27 12.00
N GLU E 196 -15.17 23.65 12.40
CA GLU E 196 -16.34 22.77 12.38
C GLU E 196 -17.07 22.92 11.06
N VAL E 197 -17.01 21.86 10.23
CA VAL E 197 -17.64 21.77 8.92
C VAL E 197 -18.97 21.02 9.05
N SER E 198 -20.09 21.72 8.84
CA SER E 198 -21.44 21.16 8.92
C SER E 198 -21.93 20.89 7.50
N LEU E 199 -22.21 19.62 7.19
CA LEU E 199 -22.69 19.20 5.88
C LEU E 199 -24.14 18.74 5.97
N ASN E 200 -25.08 19.58 5.48
CA ASN E 200 -26.51 19.26 5.46
C ASN E 200 -26.84 18.70 4.07
N PHE E 201 -27.29 17.44 4.01
CA PHE E 201 -27.59 16.75 2.76
C PHE E 201 -28.79 15.79 2.84
N ARG E 202 -29.42 15.50 1.70
CA ARG E 202 -30.57 14.59 1.59
C ARG E 202 -30.52 13.74 0.30
N LYS E 203 -31.25 12.61 0.28
CA LYS E 203 -31.32 11.74 -0.88
C LYS E 203 -32.28 12.34 -1.92
N LYS E 204 -31.91 12.24 -3.21
CA LYS E 204 -32.69 12.76 -4.34
C LYS E 204 -33.96 11.93 -4.63
N GLY E 205 -34.79 12.45 -5.54
CA GLY E 205 -36.02 11.78 -5.99
C GLY E 205 -35.78 10.76 -7.08
N SER F 1 -4.45 0.38 -38.94
CA SER F 1 -3.27 -0.41 -38.60
C SER F 1 -3.50 -1.23 -37.33
N GLY F 2 -3.15 -2.51 -37.42
CA GLY F 2 -3.25 -3.47 -36.31
C GLY F 2 -2.33 -3.11 -35.15
N CYS F 3 -1.29 -2.31 -35.48
CA CYS F 3 -0.27 -1.77 -34.57
C CYS F 3 -0.93 -0.97 -33.45
N CYS F 4 -1.93 -0.15 -33.80
CA CYS F 4 -2.68 0.73 -32.90
C CYS F 4 -3.47 -0.02 -31.83
N SER F 5 -3.78 -1.31 -32.09
CA SER F 5 -4.48 -2.19 -31.15
C SER F 5 -3.52 -2.79 -30.10
N ASN F 6 -2.18 -2.71 -30.39
CA ASN F 6 -1.09 -3.22 -29.54
C ASN F 6 -0.47 -2.07 -28.71
N PRO F 7 -0.23 -2.28 -27.39
CA PRO F 7 0.32 -1.20 -26.55
C PRO F 7 1.77 -0.85 -26.84
N ALA F 8 2.62 -1.88 -27.00
CA ALA F 8 4.05 -1.75 -27.30
C ALA F 8 4.25 -1.04 -28.64
N CYS F 9 3.46 -1.42 -29.66
CA CYS F 9 3.50 -0.86 -31.01
C CYS F 9 3.11 0.61 -31.04
N ARG F 10 1.96 0.95 -30.42
CA ARG F 10 1.41 2.31 -30.31
C ARG F 10 2.48 3.30 -29.83
N VAL F 11 3.18 2.98 -28.72
CA VAL F 11 4.24 3.83 -28.14
C VAL F 11 5.54 3.76 -28.96
N ASN F 12 5.74 2.68 -29.74
CA ASN F 12 6.94 2.54 -30.59
C ASN F 12 6.82 3.30 -31.91
N ASN F 13 5.58 3.57 -32.36
CA ASN F 13 5.32 4.25 -33.61
C ASN F 13 4.36 5.45 -33.43
N PRO F 14 4.88 6.62 -32.96
CA PRO F 14 3.99 7.80 -32.79
C PRO F 14 3.47 8.36 -34.11
N ASN F 15 4.23 8.17 -35.20
CA ASN F 15 3.91 8.64 -36.56
C ASN F 15 2.72 7.88 -37.17
N ILE F 16 2.60 6.58 -36.87
CA ILE F 16 1.54 5.71 -37.40
C ILE F 16 0.23 5.85 -36.58
N CYS F 17 0.30 5.65 -35.27
CA CYS F 17 -0.87 5.70 -34.38
C CYS F 17 -1.02 7.07 -33.70
N NH2 F 18 0.07 7.60 -33.16
N SER G 1 -12.87 23.30 31.84
CA SER G 1 -11.83 22.51 31.20
C SER G 1 -12.36 21.20 30.60
N GLY G 2 -11.60 20.68 29.64
CA GLY G 2 -11.82 19.45 28.89
C GLY G 2 -10.63 19.21 27.98
N CYS G 3 -9.43 19.57 28.49
CA CYS G 3 -8.13 19.47 27.84
C CYS G 3 -7.83 18.04 27.42
N CYS G 4 -8.12 17.07 28.31
CA CYS G 4 -7.88 15.65 28.06
C CYS G 4 -8.71 15.10 26.90
N SER G 5 -9.86 15.71 26.60
CA SER G 5 -10.72 15.32 25.48
C SER G 5 -10.15 15.79 24.12
N ASN G 6 -9.17 16.72 24.17
CA ASN G 6 -8.49 17.31 23.02
C ASN G 6 -7.13 16.63 22.77
N PRO G 7 -6.79 16.28 21.49
CA PRO G 7 -5.52 15.59 21.22
C PRO G 7 -4.28 16.47 21.36
N ALA G 8 -4.35 17.72 20.86
CA ALA G 8 -3.26 18.68 20.94
C ALA G 8 -2.99 19.10 22.38
N CYS G 9 -4.04 19.19 23.21
CA CYS G 9 -3.92 19.59 24.61
C CYS G 9 -3.33 18.50 25.49
N ARG G 10 -3.77 17.24 25.29
CA ARG G 10 -3.29 16.07 26.05
C ARG G 10 -1.77 15.88 25.95
N VAL G 11 -1.19 16.06 24.74
CA VAL G 11 0.24 15.91 24.46
C VAL G 11 1.05 17.16 24.88
N ASN G 12 0.41 18.33 24.94
CA ASN G 12 1.05 19.59 25.33
C ASN G 12 1.11 19.79 26.85
N ASN G 13 0.21 19.12 27.58
CA ASN G 13 0.14 19.22 29.04
C ASN G 13 0.26 17.83 29.72
N PRO G 14 1.50 17.30 29.88
CA PRO G 14 1.65 15.98 30.52
C PRO G 14 1.33 16.00 32.01
N ASN G 15 1.53 17.15 32.66
CA ASN G 15 1.27 17.37 34.09
C ASN G 15 -0.22 17.35 34.43
N ILE G 16 -1.08 17.85 33.53
CA ILE G 16 -2.53 17.92 33.73
C ILE G 16 -3.21 16.58 33.38
N CYS G 17 -3.00 16.06 32.16
CA CYS G 17 -3.62 14.81 31.70
C CYS G 17 -2.68 13.61 31.87
N NH2 G 18 -1.44 13.71 31.37
N SER H 1 -16.64 33.31 -8.59
CA SER H 1 -15.75 33.11 -9.72
C SER H 1 -15.71 31.64 -10.15
N GLY H 2 -15.79 31.42 -11.47
CA GLY H 2 -15.72 30.09 -12.08
C GLY H 2 -14.38 29.43 -11.88
N CYS H 3 -13.34 30.26 -11.63
CA CYS H 3 -11.95 29.90 -11.33
C CYS H 3 -11.88 28.99 -10.12
N CYS H 4 -12.66 29.30 -9.06
CA CYS H 4 -12.71 28.55 -7.82
C CYS H 4 -13.22 27.12 -8.01
N SER H 5 -14.02 26.86 -9.05
CA SER H 5 -14.54 25.54 -9.37
C SER H 5 -13.45 24.66 -10.05
N ASN H 6 -12.34 25.31 -10.50
CA ASN H 6 -11.20 24.67 -11.16
C ASN H 6 -10.03 24.48 -10.16
N PRO H 7 -9.40 23.28 -10.12
CA PRO H 7 -8.32 23.04 -9.15
C PRO H 7 -7.03 23.79 -9.42
N ALA H 8 -6.61 23.83 -10.70
CA ALA H 8 -5.38 24.50 -11.14
C ALA H 8 -5.50 26.02 -10.96
N CYS H 9 -6.72 26.56 -11.14
CA CYS H 9 -7.03 27.97 -11.02
C CYS H 9 -7.02 28.47 -9.57
N ARG H 10 -7.58 27.67 -8.63
CA ARG H 10 -7.63 27.98 -7.20
C ARG H 10 -6.24 28.21 -6.64
N VAL H 11 -5.33 27.22 -6.85
CA VAL H 11 -3.95 27.21 -6.34
C VAL H 11 -3.07 28.28 -7.01
N ASN H 12 -3.41 28.70 -8.24
CA ASN H 12 -2.66 29.71 -8.98
C ASN H 12 -3.08 31.13 -8.62
N ASN H 13 -4.33 31.30 -8.13
CA ASN H 13 -4.86 32.61 -7.78
C ASN H 13 -5.33 32.67 -6.31
N PRO H 14 -4.41 32.87 -5.35
CA PRO H 14 -4.82 32.94 -3.93
C PRO H 14 -5.63 34.19 -3.59
N ASN H 15 -5.39 35.28 -4.34
CA ASN H 15 -6.06 36.57 -4.16
C ASN H 15 -7.55 36.52 -4.57
N ILE H 16 -7.87 35.73 -5.61
CA ILE H 16 -9.24 35.60 -6.13
C ILE H 16 -10.07 34.59 -5.30
N CYS H 17 -9.58 33.35 -5.15
CA CYS H 17 -10.28 32.30 -4.40
C CYS H 17 -9.84 32.19 -2.94
N NH2 H 18 -10.62 31.43 -2.15
N SER I 1 4.79 -25.19 29.00
CA SER I 1 5.20 -23.93 29.63
C SER I 1 4.28 -22.78 29.20
N GLY I 2 3.88 -21.96 30.17
CA GLY I 2 3.04 -20.78 29.95
C GLY I 2 3.77 -19.71 29.15
N CYS I 3 5.11 -19.78 29.16
CA CYS I 3 6.06 -18.92 28.45
C CYS I 3 5.78 -18.98 26.94
N CYS I 4 5.56 -20.19 26.41
CA CYS I 4 5.30 -20.45 25.00
C CYS I 4 4.04 -19.74 24.49
N SER I 5 3.05 -19.50 25.37
CA SER I 5 1.81 -18.79 25.05
C SER I 5 2.02 -17.27 24.92
N ASN I 6 3.19 -16.77 25.41
CA ASN I 6 3.60 -15.37 25.38
C ASN I 6 4.58 -15.11 24.22
N PRO I 7 4.38 -14.02 23.44
CA PRO I 7 5.27 -13.74 22.29
C PRO I 7 6.67 -13.29 22.65
N ALA I 8 6.79 -12.41 23.65
CA ALA I 8 8.07 -11.88 24.13
C ALA I 8 8.88 -12.98 24.80
N CYS I 9 8.21 -13.92 25.50
CA CYS I 9 8.86 -15.02 26.20
C CYS I 9 9.40 -16.09 25.26
N ARG I 10 8.62 -16.47 24.23
CA ARG I 10 8.99 -17.48 23.23
C ARG I 10 10.31 -17.15 22.52
N VAL I 11 10.47 -15.88 22.10
CA VAL I 11 11.65 -15.38 21.38
C VAL I 11 12.85 -15.12 22.31
N ASN I 12 12.58 -14.81 23.59
CA ASN I 12 13.63 -14.53 24.57
C ASN I 12 14.21 -15.80 25.23
N ASN I 13 13.46 -16.92 25.17
CA ASN I 13 13.90 -18.18 25.76
C ASN I 13 13.90 -19.34 24.74
N PRO I 14 14.96 -19.46 23.91
CA PRO I 14 15.01 -20.59 22.96
C PRO I 14 15.31 -21.92 23.63
N CYS I 17 11.35 -22.77 25.02
CA CYS I 17 10.80 -23.26 23.75
C CYS I 17 11.19 -22.39 22.55
N NH2 I 18 10.80 -21.11 22.56
N SER J 1 9.80 -36.35 -13.57
CA SER J 1 9.95 -36.36 -12.12
C SER J 1 9.05 -35.29 -11.47
N GLY J 2 8.59 -35.55 -10.24
CA GLY J 2 7.73 -34.69 -9.44
C GLY J 2 8.37 -33.38 -9.05
N CYS J 3 9.61 -33.15 -9.51
CA CYS J 3 10.44 -31.96 -9.33
C CYS J 3 9.72 -30.72 -9.85
N CYS J 4 9.09 -30.84 -11.03
CA CYS J 4 8.34 -29.75 -11.68
C CYS J 4 7.16 -29.25 -10.86
N SER J 5 6.57 -30.11 -10.00
CA SER J 5 5.47 -29.75 -9.11
C SER J 5 5.95 -28.92 -7.90
N ASN J 6 7.28 -28.91 -7.66
CA ASN J 6 7.94 -28.19 -6.57
C ASN J 6 8.54 -26.86 -7.08
N PRO J 7 8.35 -25.73 -6.34
CA PRO J 7 8.88 -24.43 -6.79
C PRO J 7 10.39 -24.29 -6.69
N ALA J 8 10.98 -24.79 -5.59
CA ALA J 8 12.42 -24.75 -5.32
C ALA J 8 13.19 -25.66 -6.30
N CYS J 9 12.57 -26.76 -6.74
CA CYS J 9 13.16 -27.71 -7.68
C CYS J 9 13.13 -27.22 -9.12
N ARG J 10 11.99 -26.66 -9.55
CA ARG J 10 11.79 -26.12 -10.90
C ARG J 10 12.83 -25.07 -11.29
N VAL J 11 13.14 -24.14 -10.36
CA VAL J 11 14.11 -23.05 -10.57
C VAL J 11 15.57 -23.53 -10.44
N ASN J 12 15.81 -24.62 -9.69
CA ASN J 12 17.15 -25.18 -9.48
C ASN J 12 17.58 -26.12 -10.60
N ASN J 13 16.61 -26.71 -11.31
CA ASN J 13 16.87 -27.64 -12.40
C ASN J 13 16.22 -27.20 -13.73
N PRO J 14 16.87 -26.26 -14.48
CA PRO J 14 16.26 -25.80 -15.74
C PRO J 14 16.25 -26.84 -16.84
N CYS J 17 12.91 -29.40 -16.58
CA CYS J 17 11.45 -29.31 -16.47
C CYS J 17 10.79 -28.68 -17.70
N NH2 J 18 11.39 -27.63 -18.25
#